data_6YQ9
#
_entry.id   6YQ9
#
_cell.length_a   65.214
_cell.length_b   103.100
_cell.length_c   75.374
_cell.angle_alpha   90.000
_cell.angle_beta   103.632
_cell.angle_gamma   90.000
#
_symmetry.space_group_name_H-M   'P 1 21 1'
#
loop_
_entity.id
_entity.type
_entity.pdbx_description
1 polymer Alpha-amylase
2 non-polymer 2-acetamido-2-deoxy-beta-D-glucopyranose
3 non-polymer 1,2-ETHANEDIOL
4 non-polymer '(1R,2R,3S,5R,6S)-2,3,5-trihydroxy-6-(hydroxymethyl)cyclohexyl alpha-D-glucopyranoside'
5 non-polymer 'CALCIUM ION'
6 water water
#
_entity_poly.entity_id   1
_entity_poly.type   'polypeptide(L)'
_entity_poly.pdbx_seq_one_letter_code
;MMVAWWSLFLYGLQVAAPALAATPADWRSQSIYFLLTDRFARTDGSTTATCNTADQKYCGGTWQGIIDKLDYIQGMGFTA
IWITPVTAQLPQTTAYGDAYHGYWQQDIYSLNENYGTADDLKALSSALHERGMYLMVDVVANHMGYDGAGSSVDYSVFKP
FSSQDYFHPFCFIQNYEDQTQVEDCWLGDNTVSLPDLDTTKDVVKNEWYDWVGSLVSNYSIDGLRIDTVKHVQKDFWPGY
NKAAGVYCIGEVLDGDPAYTCPYQNVMDGVLNYPIYYPLLNAFKSTSGSMDDLYNMINTVKSDCPDSTLLGTFVENHDNP
RFASYTNDIALAKNVAAFIILNDGIPIIYAGQEQHYAGGNDPANREATWLSGYPTDSELYKLIASANAIRNYAISKDTGF
VTYKNWPIYKDDTTIAMRKGTDGSQIVTILSNKGASGDSYTLSLSGAGYTAGQQLTEVIGCTTVTVGSDGNVPVPMAGGL
PRVLYPTEKLAGSKICSSS
;
_entity_poly.pdbx_strand_id   AAA,BBB
#
loop_
_chem_comp.id
_chem_comp.type
_chem_comp.name
_chem_comp.formula
5QP D-saccharide '(1R,2R,3S,5R,6S)-2,3,5-trihydroxy-6-(hydroxymethyl)cyclohexyl alpha-D-glucopyranoside' 'C13 H24 O10'
CA non-polymer 'CALCIUM ION' 'Ca 2'
EDO non-polymer 1,2-ETHANEDIOL 'C2 H6 O2'
NAG D-saccharide, beta linking 2-acetamido-2-deoxy-beta-D-glucopyranose 'C8 H15 N O6'
#
# COMPACT_ATOMS: atom_id res chain seq x y z
N ALA A 22 15.36 7.35 -17.51
CA ALA A 22 13.87 7.20 -17.46
C ALA A 22 13.38 7.27 -16.02
N THR A 23 12.17 7.82 -15.83
CA THR A 23 11.65 8.16 -14.50
C THR A 23 11.11 6.90 -13.85
N PRO A 24 10.87 6.93 -12.53
CA PRO A 24 10.14 5.86 -11.86
C PRO A 24 8.80 5.55 -12.57
N ALA A 25 8.02 6.57 -12.99
CA ALA A 25 6.74 6.30 -13.68
C ALA A 25 6.99 5.56 -14.98
N ASP A 26 8.04 5.91 -15.72
CA ASP A 26 8.42 5.24 -16.99
C ASP A 26 8.74 3.78 -16.68
N TRP A 27 9.39 3.50 -15.55
CA TRP A 27 9.87 2.13 -15.24
C TRP A 27 8.73 1.20 -14.78
N ARG A 28 7.59 1.71 -14.31
CA ARG A 28 6.53 0.84 -13.77
C ARG A 28 6.11 -0.20 -14.82
N SER A 29 6.10 0.15 -16.10
CA SER A 29 5.58 -0.73 -17.17
C SER A 29 6.65 -1.70 -17.69
N GLN A 30 7.85 -1.66 -17.14
CA GLN A 30 8.96 -2.44 -17.71
C GLN A 30 8.92 -3.87 -17.15
N SER A 31 9.67 -4.73 -17.81
CA SER A 31 9.90 -6.12 -17.39
C SER A 31 11.39 -6.37 -17.65
N ILE A 32 12.14 -6.80 -16.64
CA ILE A 32 13.62 -6.83 -16.67
C ILE A 32 14.12 -8.26 -16.82
N TYR A 33 15.06 -8.44 -17.76
CA TYR A 33 15.95 -9.61 -17.80
C TYR A 33 17.28 -9.26 -17.20
N PHE A 34 17.59 -9.87 -16.08
CA PHE A 34 18.83 -9.60 -15.34
C PHE A 34 19.87 -10.64 -15.74
N LEU A 35 21.05 -10.19 -16.13
CA LEU A 35 22.13 -11.06 -16.61
C LEU A 35 23.48 -10.67 -16.00
N LEU A 36 24.34 -11.66 -15.92
CA LEU A 36 25.77 -11.43 -15.60
C LEU A 36 26.49 -11.22 -16.93
N THR A 37 27.12 -10.08 -17.10
CA THR A 37 27.78 -9.77 -18.39
C THR A 37 28.79 -10.87 -18.71
N ASP A 38 29.52 -11.39 -17.74
CA ASP A 38 30.53 -12.43 -17.96
C ASP A 38 29.90 -13.76 -18.38
N ARG A 39 28.61 -13.96 -18.13
CA ARG A 39 28.00 -15.32 -18.20
C ARG A 39 26.90 -15.36 -19.27
N PHE A 40 26.54 -14.26 -19.94
CA PHE A 40 25.33 -14.33 -20.79
C PHE A 40 25.72 -14.71 -22.23
N ALA A 41 26.65 -13.97 -22.83
CA ALA A 41 26.96 -14.16 -24.28
C ALA A 41 28.38 -13.69 -24.58
N ARG A 42 29.13 -14.56 -25.21
CA ARG A 42 30.48 -14.24 -25.72
C ARG A 42 30.40 -13.50 -27.05
N THR A 43 31.43 -12.73 -27.36
CA THR A 43 31.52 -12.07 -28.68
C THR A 43 31.47 -13.11 -29.80
N ASP A 44 32.18 -14.21 -29.66
CA ASP A 44 32.23 -15.27 -30.69
C ASP A 44 30.91 -16.03 -30.81
N GLY A 45 29.92 -15.82 -29.90
CA GLY A 45 28.61 -16.48 -30.03
C GLY A 45 28.64 -17.96 -29.66
N SER A 46 29.73 -18.51 -29.12
CA SER A 46 29.84 -19.94 -28.82
C SER A 46 28.72 -20.36 -27.87
N THR A 47 28.14 -21.54 -28.10
CA THR A 47 27.21 -22.17 -27.14
C THR A 47 27.89 -23.34 -26.45
N THR A 48 29.20 -23.54 -26.68
CA THR A 48 29.95 -24.69 -26.11
C THR A 48 31.17 -24.25 -25.30
N ALA A 49 31.56 -22.97 -25.32
CA ALA A 49 32.75 -22.51 -24.60
C ALA A 49 32.62 -22.88 -23.13
N THR A 50 33.65 -23.49 -22.55
CA THR A 50 33.65 -23.98 -21.15
C THR A 50 33.36 -22.83 -20.18
N CYS A 51 32.45 -23.08 -19.25
CA CYS A 51 32.29 -22.18 -18.09
C CYS A 51 31.99 -23.04 -16.89
N ASN A 52 33.07 -23.44 -16.20
N ASN A 52 33.03 -23.47 -16.17
CA ASN A 52 32.97 -24.23 -14.96
CA ASN A 52 32.83 -24.37 -15.02
C ASN A 52 32.66 -23.22 -13.86
C ASN A 52 32.68 -23.44 -13.79
N THR A 53 31.46 -23.24 -13.29
CA THR A 53 31.16 -22.22 -12.24
C THR A 53 32.09 -22.38 -11.05
N ALA A 54 32.52 -23.60 -10.72
CA ALA A 54 33.36 -23.81 -9.51
C ALA A 54 34.72 -23.11 -9.67
N ASP A 55 35.22 -22.89 -10.88
CA ASP A 55 36.53 -22.21 -11.12
C ASP A 55 36.45 -20.74 -10.71
N GLN A 56 35.26 -20.14 -10.74
CA GLN A 56 35.04 -18.73 -10.39
C GLN A 56 35.93 -17.81 -11.24
N LYS A 57 36.12 -18.16 -12.50
CA LYS A 57 36.94 -17.32 -13.40
C LYS A 57 36.08 -16.63 -14.46
N TYR A 58 36.62 -15.60 -15.08
CA TYR A 58 36.04 -15.02 -16.30
C TYR A 58 35.81 -16.13 -17.31
N CYS A 59 34.59 -16.24 -17.81
CA CYS A 59 34.20 -17.18 -18.89
C CYS A 59 34.11 -16.47 -20.24
N GLY A 60 34.11 -15.13 -20.28
CA GLY A 60 34.30 -14.37 -21.52
C GLY A 60 33.07 -13.73 -22.06
N GLY A 61 31.99 -13.59 -21.28
CA GLY A 61 30.85 -12.82 -21.77
C GLY A 61 31.15 -11.33 -21.92
N THR A 62 30.52 -10.69 -22.90
CA THR A 62 30.81 -9.31 -23.30
C THR A 62 29.53 -8.51 -23.56
N TRP A 63 29.68 -7.18 -23.64
CA TRP A 63 28.58 -6.26 -24.04
C TRP A 63 28.20 -6.55 -25.47
N GLN A 64 29.19 -6.83 -26.34
CA GLN A 64 28.86 -7.15 -27.76
C GLN A 64 28.07 -8.46 -27.81
N GLY A 65 28.42 -9.42 -26.97
CA GLY A 65 27.68 -10.69 -26.89
C GLY A 65 26.22 -10.42 -26.60
N ILE A 66 25.95 -9.53 -25.65
CA ILE A 66 24.54 -9.20 -25.32
C ILE A 66 23.80 -8.65 -26.55
N ILE A 67 24.41 -7.68 -27.24
CA ILE A 67 23.77 -7.04 -28.41
C ILE A 67 23.31 -8.16 -29.36
N ASP A 68 24.21 -9.12 -29.62
CA ASP A 68 24.00 -10.17 -30.65
C ASP A 68 22.80 -11.05 -30.24
N LYS A 69 22.43 -11.09 -28.94
CA LYS A 69 21.37 -12.02 -28.45
C LYS A 69 20.14 -11.22 -28.00
N LEU A 70 20.02 -9.96 -28.37
CA LEU A 70 18.84 -9.17 -27.98
C LEU A 70 17.54 -9.75 -28.56
N ASP A 71 17.54 -10.45 -29.69
CA ASP A 71 16.29 -11.06 -30.21
C ASP A 71 15.79 -12.14 -29.23
N TYR A 72 16.73 -12.86 -28.64
CA TYR A 72 16.45 -13.95 -27.68
C TYR A 72 15.75 -13.36 -26.46
N ILE A 73 16.29 -12.25 -25.95
CA ILE A 73 15.72 -11.61 -24.74
C ILE A 73 14.36 -11.01 -25.08
N GLN A 74 14.30 -10.25 -26.18
CA GLN A 74 13.05 -9.51 -26.51
C GLN A 74 11.96 -10.50 -26.90
N GLY A 75 12.31 -11.70 -27.38
CA GLY A 75 11.39 -12.78 -27.75
C GLY A 75 10.57 -13.30 -26.57
N MET A 76 11.12 -13.09 -25.37
CA MET A 76 10.38 -13.43 -24.13
C MET A 76 9.50 -12.27 -23.68
N GLY A 77 9.56 -11.10 -24.35
CA GLY A 77 8.69 -9.97 -24.03
C GLY A 77 9.27 -9.07 -22.94
N PHE A 78 10.53 -9.22 -22.60
CA PHE A 78 11.20 -8.24 -21.74
C PHE A 78 11.40 -6.92 -22.49
N THR A 79 11.32 -5.86 -21.70
CA THR A 79 11.46 -4.46 -22.19
C THR A 79 12.77 -3.84 -21.74
N ALA A 80 13.57 -4.52 -20.92
CA ALA A 80 14.73 -3.90 -20.28
C ALA A 80 15.67 -5.02 -19.88
N ILE A 81 16.96 -4.71 -19.78
CA ILE A 81 17.96 -5.62 -19.17
C ILE A 81 18.63 -4.91 -18.00
N TRP A 82 19.01 -5.70 -17.00
CA TRP A 82 19.87 -5.25 -15.88
C TRP A 82 21.20 -6.00 -16.02
N ILE A 83 22.30 -5.28 -16.22
CA ILE A 83 23.64 -5.91 -16.38
C ILE A 83 24.43 -5.63 -15.11
N THR A 84 25.37 -6.52 -14.85
CA THR A 84 26.21 -6.39 -13.65
C THR A 84 27.19 -5.25 -13.81
N PRO A 85 27.85 -4.85 -12.72
CA PRO A 85 28.61 -3.60 -12.78
C PRO A 85 29.72 -3.50 -13.83
N VAL A 86 30.01 -2.27 -14.23
CA VAL A 86 30.82 -1.99 -15.45
C VAL A 86 32.21 -1.49 -15.08
N THR A 87 32.48 -1.15 -13.83
CA THR A 87 33.74 -0.48 -13.43
C THR A 87 34.89 -1.48 -13.44
N ALA A 88 36.10 -0.94 -13.61
CA ALA A 88 37.32 -1.76 -13.54
C ALA A 88 37.53 -2.33 -12.14
N GLN A 89 37.99 -3.59 -12.11
CA GLN A 89 37.98 -4.42 -10.88
C GLN A 89 39.39 -4.70 -10.39
N LEU A 90 39.51 -5.34 -9.23
CA LEU A 90 40.81 -5.92 -8.88
C LEU A 90 41.21 -6.89 -9.99
N PRO A 91 42.53 -6.97 -10.28
CA PRO A 91 43.08 -7.78 -11.36
C PRO A 91 43.30 -9.27 -11.06
N GLN A 92 43.40 -9.61 -9.78
CA GLN A 92 43.89 -10.92 -9.35
C GLN A 92 42.86 -11.99 -9.66
N THR A 93 43.33 -13.20 -9.81
CA THR A 93 42.53 -14.40 -9.51
C THR A 93 42.76 -14.68 -8.02
N THR A 94 41.81 -14.25 -7.23
CA THR A 94 41.86 -14.41 -5.77
C THR A 94 41.69 -15.88 -5.44
N ALA A 95 41.78 -16.23 -4.18
CA ALA A 95 41.40 -17.60 -3.70
C ALA A 95 39.93 -17.88 -3.99
N TYR A 96 39.11 -16.84 -4.19
CA TYR A 96 37.67 -16.97 -4.54
C TYR A 96 37.43 -16.64 -6.01
N GLY A 97 38.49 -16.67 -6.82
CA GLY A 97 38.40 -16.44 -8.26
C GLY A 97 38.49 -14.99 -8.67
N ASP A 98 38.06 -14.75 -9.88
CA ASP A 98 38.18 -13.47 -10.56
C ASP A 98 37.02 -12.59 -10.12
N ALA A 99 37.14 -11.29 -10.40
CA ALA A 99 36.05 -10.31 -10.26
C ALA A 99 35.07 -10.35 -11.43
N TYR A 100 34.65 -11.55 -11.85
CA TYR A 100 33.87 -11.74 -13.10
C TYR A 100 32.49 -11.10 -12.94
N HIS A 101 32.05 -11.02 -11.69
CA HIS A 101 30.72 -10.54 -11.29
C HIS A 101 30.65 -9.05 -11.27
N GLY A 102 31.76 -8.31 -11.17
CA GLY A 102 31.73 -6.84 -11.16
C GLY A 102 31.63 -6.18 -9.79
N TYR A 103 31.59 -6.93 -8.67
CA TYR A 103 31.32 -6.30 -7.36
C TYR A 103 32.60 -5.97 -6.57
N TRP A 104 33.78 -6.07 -7.19
CA TRP A 104 35.08 -5.85 -6.54
C TRP A 104 35.84 -4.71 -7.23
N GLN A 105 35.25 -3.53 -7.29
CA GLN A 105 35.77 -2.45 -8.13
C GLN A 105 37.04 -1.84 -7.50
N GLN A 106 37.89 -1.29 -8.36
CA GLN A 106 39.07 -0.50 -7.93
C GLN A 106 39.14 0.85 -8.62
N ASP A 107 38.83 0.95 -9.89
CA ASP A 107 38.97 2.22 -10.64
C ASP A 107 37.62 2.53 -11.27
N ILE A 108 36.87 3.43 -10.66
CA ILE A 108 35.48 3.69 -11.09
C ILE A 108 35.45 4.53 -12.38
N TYR A 109 36.58 5.13 -12.76
CA TYR A 109 36.65 5.92 -14.03
C TYR A 109 37.24 5.10 -15.15
N SER A 110 37.38 3.79 -15.01
CA SER A 110 37.72 2.90 -16.11
C SER A 110 36.69 1.79 -16.19
N LEU A 111 36.49 1.26 -17.35
CA LEU A 111 35.61 0.09 -17.51
C LEU A 111 36.39 -1.19 -17.36
N ASN A 112 35.65 -2.26 -17.07
CA ASN A 112 36.18 -3.62 -17.02
C ASN A 112 36.45 -4.07 -18.46
N GLU A 113 37.72 -4.07 -18.84
CA GLU A 113 38.09 -4.36 -20.25
C GLU A 113 37.65 -5.78 -20.65
N ASN A 114 37.39 -6.68 -19.70
CA ASN A 114 36.93 -8.05 -20.03
C ASN A 114 35.67 -7.96 -20.89
N TYR A 115 34.82 -6.96 -20.66
CA TYR A 115 33.49 -6.91 -21.28
C TYR A 115 33.50 -6.12 -22.60
N GLY A 116 34.57 -5.40 -22.86
CA GLY A 116 34.71 -4.58 -24.07
C GLY A 116 35.16 -3.18 -23.75
N THR A 117 34.88 -2.26 -24.67
CA THR A 117 35.32 -0.85 -24.61
C THR A 117 34.13 0.04 -24.27
N ALA A 118 34.39 1.31 -24.02
CA ALA A 118 33.36 2.34 -23.80
C ALA A 118 32.45 2.36 -25.04
N ASP A 119 33.01 2.24 -26.25
CA ASP A 119 32.16 2.23 -27.46
C ASP A 119 31.22 1.03 -27.46
N ASP A 120 31.65 -0.12 -26.95
CA ASP A 120 30.82 -1.34 -26.88
C ASP A 120 29.67 -1.12 -25.88
N LEU A 121 29.95 -0.52 -24.73
CA LEU A 121 28.88 -0.22 -23.75
C LEU A 121 27.90 0.79 -24.36
N LYS A 122 28.39 1.83 -25.03
CA LYS A 122 27.50 2.79 -25.74
C LYS A 122 26.68 2.08 -26.84
N ALA A 123 27.29 1.14 -27.56
CA ALA A 123 26.60 0.38 -28.62
C ALA A 123 25.48 -0.51 -28.00
N LEU A 124 25.70 -1.05 -26.79
CA LEU A 124 24.65 -1.87 -26.14
C LEU A 124 23.47 -0.96 -25.76
N SER A 125 23.73 0.19 -25.15
CA SER A 125 22.69 1.16 -24.81
C SER A 125 21.89 1.55 -26.06
N SER A 126 22.63 1.83 -27.13
CA SER A 126 22.01 2.26 -28.41
C SER A 126 21.18 1.12 -29.01
N ALA A 127 21.68 -0.10 -28.99
CA ALA A 127 20.98 -1.28 -29.54
C ALA A 127 19.64 -1.48 -28.79
N LEU A 128 19.67 -1.37 -27.46
CA LEU A 128 18.46 -1.46 -26.64
C LEU A 128 17.49 -0.36 -27.02
N HIS A 129 17.95 0.88 -27.10
CA HIS A 129 17.08 2.03 -27.44
C HIS A 129 16.46 1.86 -28.84
N GLU A 130 17.18 1.30 -29.81
CA GLU A 130 16.64 1.12 -31.19
C GLU A 130 15.48 0.14 -31.16
N ARG A 131 15.45 -0.73 -30.15
CA ARG A 131 14.36 -1.73 -29.98
C ARG A 131 13.30 -1.26 -28.98
N GLY A 132 13.39 -0.03 -28.46
CA GLY A 132 12.44 0.54 -27.49
C GLY A 132 12.61 -0.11 -26.12
N MET A 133 13.84 -0.53 -25.84
CA MET A 133 14.16 -1.20 -24.55
C MET A 133 15.02 -0.29 -23.69
N TYR A 134 15.09 -0.58 -22.39
CA TYR A 134 15.89 0.18 -21.40
C TYR A 134 17.12 -0.60 -20.98
N LEU A 135 18.17 0.15 -20.67
CA LEU A 135 19.39 -0.32 -20.03
C LEU A 135 19.35 0.05 -18.55
N MET A 136 19.45 -0.95 -17.68
CA MET A 136 19.70 -0.73 -16.26
C MET A 136 21.06 -1.29 -15.90
N VAL A 137 21.87 -0.49 -15.19
CA VAL A 137 23.26 -0.85 -14.82
C VAL A 137 23.33 -0.96 -13.30
N ASP A 138 23.98 -2.04 -12.87
CA ASP A 138 24.27 -2.33 -11.46
C ASP A 138 25.45 -1.45 -11.01
N VAL A 139 25.30 -0.82 -9.85
CA VAL A 139 26.34 0.04 -9.27
C VAL A 139 26.50 -0.25 -7.80
N VAL A 140 27.71 -0.08 -7.32
CA VAL A 140 28.08 -0.23 -5.90
C VAL A 140 28.65 1.11 -5.46
N ALA A 141 28.12 1.64 -4.34
CA ALA A 141 28.71 2.83 -3.68
C ALA A 141 29.37 2.40 -2.39
N ASN A 142 28.99 1.26 -1.81
CA ASN A 142 29.42 0.93 -0.45
C ASN A 142 30.91 0.62 -0.39
N HIS A 143 31.44 -0.07 -1.37
CA HIS A 143 32.81 -0.65 -1.24
C HIS A 143 33.58 -0.74 -2.54
N MET A 144 34.88 -0.86 -2.35
CA MET A 144 35.82 -1.36 -3.38
C MET A 144 36.07 -2.84 -3.11
N GLY A 145 36.99 -3.46 -3.85
CA GLY A 145 37.45 -4.84 -3.57
C GLY A 145 38.97 -4.86 -3.54
N TYR A 146 39.53 -5.81 -2.82
CA TYR A 146 40.99 -5.93 -2.72
C TYR A 146 41.34 -7.37 -2.42
N ASP A 147 42.36 -7.88 -3.13
CA ASP A 147 42.82 -9.25 -2.90
C ASP A 147 43.70 -9.27 -1.65
N GLY A 148 43.17 -9.80 -0.59
CA GLY A 148 43.95 -9.79 0.65
C GLY A 148 43.20 -9.20 1.81
N ALA A 149 43.81 -9.42 2.97
CA ALA A 149 43.27 -9.06 4.29
C ALA A 149 43.19 -7.53 4.39
N GLY A 150 42.33 -7.03 5.26
CA GLY A 150 42.19 -5.60 5.57
C GLY A 150 43.47 -4.86 5.81
N SER A 151 44.37 -5.38 6.64
CA SER A 151 45.69 -4.74 6.99
C SER A 151 46.71 -4.67 5.84
N SER A 152 46.54 -5.44 4.78
CA SER A 152 47.44 -5.50 3.61
C SER A 152 47.01 -4.47 2.51
N VAL A 153 45.91 -3.76 2.69
CA VAL A 153 45.31 -2.91 1.63
C VAL A 153 46.21 -1.73 1.29
N ASP A 154 46.59 -1.63 0.02
CA ASP A 154 47.30 -0.44 -0.50
C ASP A 154 46.22 0.46 -1.07
N TYR A 155 45.78 1.46 -0.30
CA TYR A 155 44.61 2.31 -0.66
C TYR A 155 44.92 3.09 -1.92
N SER A 156 46.19 3.17 -2.32
CA SER A 156 46.59 3.96 -3.51
C SER A 156 46.06 3.32 -4.80
N VAL A 157 45.61 2.05 -4.80
CA VAL A 157 45.11 1.37 -6.02
C VAL A 157 43.68 1.84 -6.34
N PHE A 158 42.99 2.42 -5.37
CA PHE A 158 41.59 2.84 -5.56
C PHE A 158 41.54 4.20 -6.24
N LYS A 159 40.78 4.32 -7.34
CA LYS A 159 40.64 5.60 -8.07
C LYS A 159 39.17 5.96 -8.13
N PRO A 160 38.76 7.14 -7.65
CA PRO A 160 39.65 8.22 -7.16
C PRO A 160 39.98 8.20 -5.65
N PHE A 161 39.52 7.18 -4.93
CA PHE A 161 39.57 7.16 -3.45
C PHE A 161 40.93 6.60 -3.00
N SER A 162 41.99 7.26 -3.38
CA SER A 162 43.36 6.70 -3.32
C SER A 162 44.01 6.97 -1.97
N SER A 163 43.24 6.89 -0.91
CA SER A 163 43.76 7.11 0.46
C SER A 163 42.88 6.43 1.48
N GLN A 164 43.48 5.92 2.56
N GLN A 164 43.48 5.92 2.54
CA GLN A 164 42.74 5.36 3.71
CA GLN A 164 42.78 5.36 3.72
C GLN A 164 41.74 6.40 4.23
C GLN A 164 41.78 6.39 4.27
N ASP A 165 42.02 7.70 4.06
CA ASP A 165 41.17 8.77 4.62
C ASP A 165 39.74 8.69 4.06
N TYR A 166 39.54 8.04 2.94
CA TYR A 166 38.19 7.93 2.34
C TYR A 166 37.41 6.74 2.91
N PHE A 167 38.02 5.92 3.78
CA PHE A 167 37.41 4.65 4.17
C PHE A 167 37.12 4.65 5.65
N HIS A 168 36.14 3.84 6.03
CA HIS A 168 35.87 3.49 7.45
C HIS A 168 37.01 2.65 7.96
N PRO A 169 37.37 2.80 9.24
CA PRO A 169 38.38 1.93 9.83
C PRO A 169 38.01 0.46 9.65
N PHE A 170 39.05 -0.36 9.51
CA PHE A 170 38.89 -1.80 9.22
C PHE A 170 38.27 -2.53 10.42
N CYS A 171 37.20 -3.26 10.13
CA CYS A 171 36.42 -4.10 11.05
C CYS A 171 35.44 -4.86 10.18
N PHE A 172 34.97 -6.00 10.66
CA PHE A 172 33.96 -6.80 9.96
C PHE A 172 32.59 -6.67 10.61
N ILE A 173 31.55 -6.90 9.83
CA ILE A 173 30.18 -6.89 10.37
C ILE A 173 29.94 -8.22 11.06
N GLN A 174 29.71 -8.17 12.36
CA GLN A 174 29.45 -9.37 13.19
C GLN A 174 28.06 -9.31 13.79
N ASN A 175 27.63 -8.14 14.27
CA ASN A 175 26.34 -7.85 14.94
C ASN A 175 25.39 -7.19 13.91
N TYR A 176 24.69 -8.02 13.15
CA TYR A 176 23.77 -7.56 12.08
C TYR A 176 22.56 -6.81 12.68
N GLU A 177 22.34 -6.82 14.00
CA GLU A 177 21.25 -6.08 14.68
C GLU A 177 21.71 -4.66 15.02
N ASP A 178 23.02 -4.41 14.91
CA ASP A 178 23.63 -3.09 15.15
C ASP A 178 23.75 -2.43 13.78
N GLN A 179 22.75 -1.63 13.43
CA GLN A 179 22.71 -0.98 12.10
C GLN A 179 23.95 -0.11 11.91
N THR A 180 24.47 0.53 12.95
CA THR A 180 25.70 1.32 12.83
C THR A 180 26.82 0.40 12.37
N GLN A 181 26.94 -0.82 12.89
CA GLN A 181 28.05 -1.72 12.47
C GLN A 181 27.78 -2.19 11.03
N VAL A 182 26.52 -2.48 10.69
CA VAL A 182 26.14 -2.87 9.29
C VAL A 182 26.60 -1.81 8.30
N GLU A 183 26.52 -0.54 8.66
CA GLU A 183 26.90 0.57 7.76
C GLU A 183 28.41 0.88 7.83
N ASP A 184 29.03 0.79 9.01
CA ASP A 184 30.39 1.37 9.20
C ASP A 184 31.47 0.31 9.08
N CYS A 185 31.15 -0.97 9.21
CA CYS A 185 32.17 -2.05 9.12
C CYS A 185 32.18 -2.63 7.69
N TRP A 186 33.18 -3.42 7.38
CA TRP A 186 33.42 -3.94 6.03
C TRP A 186 32.69 -5.25 5.79
N LEU A 187 32.18 -5.42 4.57
CA LEU A 187 31.83 -6.70 4.03
C LEU A 187 33.09 -7.48 3.64
N GLY A 188 32.87 -8.70 3.14
CA GLY A 188 33.96 -9.61 2.74
C GLY A 188 34.63 -10.25 3.96
N ASP A 189 35.86 -10.67 3.78
CA ASP A 189 36.56 -11.43 4.84
C ASP A 189 38.07 -11.16 4.74
N ASN A 190 38.87 -12.02 5.38
CA ASN A 190 40.33 -11.88 5.42
C ASN A 190 40.99 -12.32 4.12
N THR A 191 40.24 -12.93 3.22
CA THR A 191 40.76 -13.49 1.95
C THR A 191 40.53 -12.48 0.83
N VAL A 192 39.30 -12.03 0.67
CA VAL A 192 38.97 -10.90 -0.22
C VAL A 192 38.25 -9.83 0.58
N SER A 193 38.90 -8.67 0.76
CA SER A 193 38.24 -7.61 1.57
C SER A 193 37.52 -6.63 0.67
N LEU A 194 36.49 -6.01 1.23
CA LEU A 194 35.65 -5.03 0.49
C LEU A 194 35.77 -3.70 1.24
N PRO A 195 36.87 -2.96 1.02
CA PRO A 195 37.10 -1.75 1.81
C PRO A 195 35.86 -0.82 1.76
N ASP A 196 35.44 -0.39 2.94
CA ASP A 196 34.13 0.28 3.12
C ASP A 196 34.30 1.78 3.03
N LEU A 197 33.77 2.43 1.99
CA LEU A 197 33.89 3.88 1.86
C LEU A 197 33.18 4.59 3.02
N ASP A 198 33.78 5.66 3.50
CA ASP A 198 33.12 6.45 4.57
C ASP A 198 32.14 7.42 3.89
N THR A 199 30.94 6.91 3.64
CA THR A 199 29.87 7.59 2.92
C THR A 199 29.25 8.70 3.77
N THR A 200 29.74 8.95 4.98
CA THR A 200 29.28 10.11 5.79
C THR A 200 30.15 11.33 5.47
N LYS A 201 31.26 11.16 4.74
CA LYS A 201 32.17 12.28 4.37
C LYS A 201 31.66 13.02 3.14
N ASP A 202 31.60 14.34 3.24
CA ASP A 202 31.13 15.17 2.12
C ASP A 202 31.95 14.87 0.86
N VAL A 203 33.28 14.67 0.92
CA VAL A 203 34.14 14.46 -0.28
C VAL A 203 33.68 13.16 -0.98
N VAL A 204 33.36 12.14 -0.21
CA VAL A 204 32.89 10.83 -0.76
C VAL A 204 31.50 10.99 -1.36
N LYS A 205 30.58 11.64 -0.66
CA LYS A 205 29.25 11.92 -1.25
C LYS A 205 29.42 12.66 -2.58
N ASN A 206 30.20 13.73 -2.57
CA ASN A 206 30.32 14.60 -3.77
C ASN A 206 30.92 13.80 -4.91
N GLU A 207 31.99 13.01 -4.68
N GLU A 207 31.92 12.99 -4.61
CA GLU A 207 32.65 12.19 -5.73
CA GLU A 207 32.64 12.20 -5.63
C GLU A 207 31.59 11.22 -6.28
C GLU A 207 31.70 11.14 -6.24
N TRP A 208 30.89 10.48 -5.40
CA TRP A 208 29.91 9.47 -5.89
C TRP A 208 28.82 10.17 -6.68
N TYR A 209 28.31 11.30 -6.24
CA TYR A 209 27.19 11.98 -6.90
C TYR A 209 27.66 12.47 -8.28
N ASP A 210 28.86 13.02 -8.38
CA ASP A 210 29.41 13.46 -9.69
C ASP A 210 29.55 12.24 -10.61
N TRP A 211 30.08 11.14 -10.07
CA TRP A 211 30.36 9.92 -10.83
C TRP A 211 29.06 9.36 -11.38
N VAL A 212 28.05 9.21 -10.53
CA VAL A 212 26.84 8.47 -10.98
C VAL A 212 26.12 9.30 -12.06
N GLY A 213 26.09 10.63 -11.91
CA GLY A 213 25.42 11.46 -12.93
C GLY A 213 26.16 11.38 -14.24
N SER A 214 27.48 11.37 -14.22
CA SER A 214 28.35 11.30 -15.42
C SER A 214 28.31 9.90 -16.05
N LEU A 215 28.21 8.83 -15.25
CA LEU A 215 28.04 7.46 -15.79
C LEU A 215 26.76 7.39 -16.60
N VAL A 216 25.68 7.85 -15.97
CA VAL A 216 24.33 7.77 -16.59
C VAL A 216 24.37 8.54 -17.90
N SER A 217 24.91 9.75 -17.87
N SER A 217 24.92 9.75 -17.89
CA SER A 217 25.05 10.62 -19.06
CA SER A 217 24.97 10.59 -19.10
C SER A 217 25.88 9.96 -20.15
C SER A 217 25.89 9.98 -20.16
N ASN A 218 27.07 9.49 -19.82
CA ASN A 218 28.02 8.99 -20.85
C ASN A 218 27.44 7.79 -21.60
N TYR A 219 26.71 6.92 -20.90
CA TYR A 219 26.30 5.61 -21.47
C TYR A 219 24.79 5.58 -21.74
N SER A 220 24.09 6.71 -21.59
CA SER A 220 22.64 6.83 -21.85
C SER A 220 21.91 5.70 -21.09
N ILE A 221 22.19 5.61 -19.80
CA ILE A 221 21.61 4.55 -18.94
C ILE A 221 20.21 4.98 -18.52
N ASP A 222 19.26 4.06 -18.52
CA ASP A 222 17.83 4.40 -18.27
C ASP A 222 17.47 4.26 -16.79
N GLY A 223 18.21 3.43 -16.08
CA GLY A 223 17.91 3.14 -14.68
C GLY A 223 19.07 2.43 -14.03
N LEU A 224 19.08 2.41 -12.69
CA LEU A 224 20.19 1.78 -11.94
C LEU A 224 19.61 0.74 -11.00
N ARG A 225 20.34 -0.34 -10.83
CA ARG A 225 20.18 -1.23 -9.65
C ARG A 225 21.33 -0.88 -8.72
N ILE A 226 20.99 -0.45 -7.52
CA ILE A 226 22.03 -0.03 -6.57
C ILE A 226 22.23 -1.18 -5.60
N ASP A 227 23.42 -1.75 -5.63
N ASP A 227 23.37 -1.80 -5.63
CA ASP A 227 23.88 -2.84 -4.73
CA ASP A 227 23.59 -2.93 -4.72
C ASP A 227 23.93 -2.34 -3.28
C ASP A 227 23.96 -2.40 -3.34
N THR A 228 23.84 -3.27 -2.33
CA THR A 228 24.46 -3.05 -1.01
C THR A 228 23.87 -1.85 -0.27
N VAL A 229 22.58 -1.54 -0.45
CA VAL A 229 21.98 -0.25 0.04
C VAL A 229 21.95 -0.22 1.57
N LYS A 230 21.70 -1.35 2.21
CA LYS A 230 21.51 -1.32 3.69
C LYS A 230 22.84 -1.06 4.37
N HIS A 231 23.95 -1.18 3.66
CA HIS A 231 25.32 -1.02 4.21
C HIS A 231 25.81 0.41 4.11
N VAL A 232 24.98 1.32 3.62
CA VAL A 232 25.29 2.76 3.54
C VAL A 232 24.18 3.50 4.27
N GLN A 233 24.54 4.49 5.08
CA GLN A 233 23.54 5.19 5.92
C GLN A 233 22.53 5.87 5.00
N LYS A 234 21.30 5.96 5.50
CA LYS A 234 20.17 6.38 4.65
C LYS A 234 20.35 7.78 4.07
N ASP A 235 21.01 8.72 4.78
CA ASP A 235 21.10 10.11 4.30
C ASP A 235 21.96 10.22 3.05
N PHE A 236 22.73 9.17 2.67
CA PHE A 236 23.52 9.20 1.45
C PHE A 236 22.59 9.16 0.23
N TRP A 237 21.52 8.37 0.35
CA TRP A 237 20.79 7.89 -0.83
C TRP A 237 19.98 8.94 -1.56
N PRO A 238 19.25 9.87 -0.90
CA PRO A 238 18.49 10.83 -1.71
C PRO A 238 19.33 11.61 -2.72
N GLY A 239 20.52 12.07 -2.30
CA GLY A 239 21.45 12.82 -3.14
C GLY A 239 21.97 11.99 -4.29
N TYR A 240 22.18 10.68 -4.05
CA TYR A 240 22.67 9.73 -5.08
C TYR A 240 21.58 9.49 -6.12
N ASN A 241 20.34 9.25 -5.66
CA ASN A 241 19.19 9.00 -6.55
C ASN A 241 18.97 10.27 -7.39
N LYS A 242 19.09 11.43 -6.77
CA LYS A 242 18.86 12.71 -7.51
C LYS A 242 19.97 12.93 -8.52
N ALA A 243 21.24 12.69 -8.13
CA ALA A 243 22.39 12.85 -9.06
C ALA A 243 22.27 11.89 -10.21
N ALA A 244 21.78 10.66 -9.98
CA ALA A 244 21.64 9.70 -11.09
C ALA A 244 20.66 10.19 -12.16
N GLY A 245 19.59 10.87 -11.74
CA GLY A 245 18.61 11.46 -12.67
C GLY A 245 17.72 10.44 -13.35
N VAL A 246 17.72 9.21 -12.83
CA VAL A 246 16.93 8.09 -13.34
C VAL A 246 16.41 7.27 -12.15
N TYR A 247 15.45 6.42 -12.47
CA TYR A 247 14.90 5.44 -11.52
C TYR A 247 16.04 4.60 -10.97
N CYS A 248 16.06 4.50 -9.65
CA CYS A 248 17.00 3.64 -8.92
C CYS A 248 16.23 2.61 -8.09
N ILE A 249 16.63 1.35 -8.26
CA ILE A 249 16.08 0.26 -7.44
C ILE A 249 17.22 -0.29 -6.57
N GLY A 250 17.01 -0.31 -5.26
CA GLY A 250 18.01 -0.71 -4.25
C GLY A 250 17.92 -2.16 -3.85
N GLU A 251 19.09 -2.78 -3.68
CA GLU A 251 19.19 -4.08 -3.01
C GLU A 251 19.28 -3.84 -1.52
N VAL A 252 18.20 -4.17 -0.85
CA VAL A 252 18.10 -4.14 0.63
C VAL A 252 17.85 -5.59 1.07
N LEU A 253 18.93 -6.29 1.42
CA LEU A 253 18.84 -7.78 1.57
C LEU A 253 18.27 -8.09 2.94
N ASP A 254 16.96 -7.99 3.05
CA ASP A 254 16.25 -8.33 4.29
C ASP A 254 14.79 -8.67 3.95
N GLY A 255 14.28 -9.78 4.51
CA GLY A 255 12.91 -10.19 4.24
C GLY A 255 11.86 -9.50 5.10
N ASP A 256 12.27 -8.62 6.01
CA ASP A 256 11.30 -7.96 6.90
C ASP A 256 10.86 -6.67 6.23
N PRO A 257 9.58 -6.53 5.81
CA PRO A 257 9.16 -5.27 5.19
C PRO A 257 9.31 -4.06 6.12
N ALA A 258 9.32 -4.25 7.45
CA ALA A 258 9.51 -3.12 8.39
C ALA A 258 10.95 -2.62 8.35
N TYR A 259 11.89 -3.44 7.88
CA TYR A 259 13.31 -3.04 7.73
C TYR A 259 13.52 -2.50 6.32
N THR A 260 13.01 -3.24 5.32
CA THR A 260 13.33 -3.04 3.89
C THR A 260 12.50 -1.91 3.29
N CYS A 261 11.20 -1.86 3.53
CA CYS A 261 10.34 -0.89 2.82
C CYS A 261 10.66 0.56 3.21
N PRO A 262 11.08 0.92 4.44
CA PRO A 262 11.48 2.30 4.71
C PRO A 262 12.59 2.83 3.81
N TYR A 263 13.37 1.94 3.18
CA TYR A 263 14.39 2.44 2.23
C TYR A 263 13.73 3.14 1.03
N GLN A 264 12.47 2.82 0.73
CA GLN A 264 11.77 3.52 -0.38
C GLN A 264 11.47 4.98 -0.01
N ASN A 265 11.71 5.38 1.22
CA ASN A 265 11.66 6.82 1.61
C ASN A 265 12.91 7.54 1.14
N VAL A 266 14.01 6.82 0.77
CA VAL A 266 15.26 7.49 0.32
C VAL A 266 15.67 7.07 -1.08
N MET A 267 14.93 6.16 -1.73
CA MET A 267 15.30 5.67 -3.06
C MET A 267 14.00 5.30 -3.77
N ASP A 268 13.92 5.40 -5.08
CA ASP A 268 12.64 5.19 -5.82
C ASP A 268 12.03 3.82 -5.54
N GLY A 269 12.86 2.79 -5.62
CA GLY A 269 12.37 1.41 -5.43
C GLY A 269 13.36 0.57 -4.66
N VAL A 270 12.89 -0.57 -4.16
CA VAL A 270 13.82 -1.61 -3.64
C VAL A 270 13.44 -2.94 -4.28
N LEU A 271 14.40 -3.85 -4.36
CA LEU A 271 14.08 -5.26 -4.72
C LEU A 271 13.16 -5.86 -3.66
N ASN A 272 12.19 -6.65 -4.10
CA ASN A 272 11.14 -7.15 -3.19
C ASN A 272 11.64 -8.41 -2.45
N TYR A 273 12.66 -8.27 -1.63
CA TYR A 273 13.10 -9.36 -0.75
C TYR A 273 11.99 -9.74 0.23
N PRO A 274 11.10 -8.84 0.74
CA PRO A 274 9.98 -9.32 1.56
C PRO A 274 9.11 -10.39 0.89
N ILE A 275 8.76 -10.18 -0.37
CA ILE A 275 7.96 -11.17 -1.15
C ILE A 275 8.81 -12.38 -1.52
N TYR A 276 10.09 -12.21 -1.76
CA TYR A 276 10.96 -13.31 -2.21
C TYR A 276 10.79 -14.58 -1.33
N TYR A 277 10.94 -14.47 -0.03
CA TYR A 277 11.01 -15.66 0.82
C TYR A 277 9.69 -16.42 0.79
N PRO A 278 8.51 -15.81 1.07
CA PRO A 278 7.28 -16.56 0.97
C PRO A 278 6.88 -16.94 -0.46
N LEU A 279 7.33 -16.22 -1.46
CA LEU A 279 7.04 -16.61 -2.87
C LEU A 279 7.80 -17.89 -3.15
N LEU A 280 9.08 -17.93 -2.80
CA LEU A 280 9.87 -19.16 -2.99
C LEU A 280 9.23 -20.30 -2.20
N ASN A 281 8.90 -20.06 -0.94
CA ASN A 281 8.35 -21.18 -0.14
C ASN A 281 7.03 -21.66 -0.73
N ALA A 282 6.19 -20.78 -1.25
CA ALA A 282 4.84 -21.17 -1.67
C ALA A 282 4.95 -22.15 -2.85
N PHE A 283 5.86 -21.91 -3.79
CA PHE A 283 5.91 -22.69 -5.03
C PHE A 283 7.04 -23.73 -5.07
N LYS A 284 8.00 -23.74 -4.16
CA LYS A 284 9.13 -24.68 -4.31
C LYS A 284 8.72 -26.10 -3.90
N SER A 285 7.58 -26.23 -3.27
CA SER A 285 7.07 -27.54 -2.75
C SER A 285 5.57 -27.60 -2.92
N THR A 286 5.03 -28.81 -3.12
CA THR A 286 3.56 -29.07 -3.10
C THR A 286 2.99 -28.82 -1.70
N SER A 287 3.81 -28.68 -0.66
CA SER A 287 3.36 -28.35 0.72
C SER A 287 3.61 -26.88 1.09
N GLY A 288 3.93 -26.00 0.11
CA GLY A 288 4.29 -24.62 0.47
C GLY A 288 3.11 -23.80 0.95
N SER A 289 3.37 -22.75 1.72
CA SER A 289 2.34 -21.93 2.39
C SER A 289 1.79 -20.89 1.40
N MET A 290 0.59 -21.07 0.90
CA MET A 290 -0.07 -19.95 0.17
C MET A 290 -0.48 -18.85 1.15
N ASP A 291 -0.79 -19.17 2.40
CA ASP A 291 -1.13 -18.15 3.41
C ASP A 291 0.01 -17.15 3.60
N ASP A 292 1.25 -17.60 3.73
CA ASP A 292 2.37 -16.67 4.00
C ASP A 292 2.50 -15.73 2.80
N LEU A 293 2.35 -16.25 1.58
CA LEU A 293 2.49 -15.36 0.39
C LEU A 293 1.35 -14.34 0.36
N TYR A 294 0.11 -14.81 0.47
CA TYR A 294 -1.10 -13.96 0.53
C TYR A 294 -0.89 -12.85 1.55
N ASN A 295 -0.43 -13.23 2.74
CA ASN A 295 -0.29 -12.27 3.85
C ASN A 295 0.79 -11.26 3.47
N MET A 296 1.92 -11.70 2.91
CA MET A 296 3.01 -10.75 2.61
C MET A 296 2.59 -9.83 1.48
N ILE A 297 1.83 -10.30 0.49
CA ILE A 297 1.36 -9.39 -0.57
C ILE A 297 0.59 -8.24 0.10
N ASN A 298 -0.27 -8.59 1.04
CA ASN A 298 -1.12 -7.56 1.69
C ASN A 298 -0.31 -6.66 2.64
N THR A 299 0.70 -7.20 3.29
CA THR A 299 1.58 -6.39 4.16
C THR A 299 2.34 -5.39 3.27
N VAL A 300 2.96 -5.85 2.18
CA VAL A 300 3.74 -4.93 1.31
C VAL A 300 2.82 -3.89 0.70
N LYS A 301 1.64 -4.30 0.26
CA LYS A 301 0.64 -3.41 -0.39
C LYS A 301 0.30 -2.24 0.53
N SER A 302 0.12 -2.53 1.82
N SER A 302 0.10 -2.47 1.83
CA SER A 302 -0.38 -1.59 2.86
CA SER A 302 -0.33 -1.39 2.76
C SER A 302 0.79 -0.78 3.45
C SER A 302 0.89 -0.67 3.32
N ASP A 303 1.96 -1.38 3.63
CA ASP A 303 3.02 -0.83 4.53
C ASP A 303 4.29 -0.41 3.75
N CYS A 304 4.42 -0.71 2.46
CA CYS A 304 5.56 -0.22 1.68
C CYS A 304 5.12 1.06 1.02
N PRO A 305 5.99 2.08 0.92
CA PRO A 305 5.57 3.34 0.30
C PRO A 305 4.92 3.24 -1.07
N ASP A 306 5.42 2.36 -1.93
CA ASP A 306 4.70 2.11 -3.21
C ASP A 306 5.10 0.76 -3.75
N SER A 307 4.27 -0.26 -3.54
CA SER A 307 4.49 -1.65 -4.06
C SER A 307 4.70 -1.67 -5.59
N THR A 308 4.19 -0.68 -6.33
CA THR A 308 4.27 -0.69 -7.81
C THR A 308 5.65 -0.23 -8.31
N LEU A 309 6.56 0.21 -7.43
CA LEU A 309 7.94 0.56 -7.80
C LEU A 309 8.96 -0.44 -7.22
N LEU A 310 8.48 -1.55 -6.67
CA LEU A 310 9.37 -2.62 -6.21
C LEU A 310 9.66 -3.56 -7.36
N GLY A 311 10.71 -4.36 -7.23
CA GLY A 311 11.11 -5.37 -8.24
C GLY A 311 10.81 -6.79 -7.74
N THR A 312 9.97 -7.54 -8.44
CA THR A 312 9.57 -8.89 -8.01
C THR A 312 10.53 -9.92 -8.61
N PHE A 313 10.98 -10.87 -7.82
CA PHE A 313 11.89 -11.92 -8.33
C PHE A 313 11.77 -13.16 -7.45
N VAL A 314 12.19 -14.30 -7.99
CA VAL A 314 12.39 -15.52 -7.16
C VAL A 314 13.79 -16.07 -7.39
N GLU A 315 14.57 -15.51 -8.27
CA GLU A 315 15.89 -16.10 -8.65
C GLU A 315 16.90 -14.98 -8.86
N ASN A 316 18.11 -15.15 -8.35
CA ASN A 316 19.23 -14.21 -8.60
C ASN A 316 20.53 -14.96 -8.34
N HIS A 317 21.62 -14.22 -8.39
CA HIS A 317 23.01 -14.74 -8.33
C HIS A 317 23.46 -14.83 -6.85
N ASP A 318 22.56 -14.54 -5.90
CA ASP A 318 22.87 -14.48 -4.46
C ASP A 318 22.06 -15.50 -3.68
N ASN A 319 21.28 -16.33 -4.34
CA ASN A 319 20.48 -17.39 -3.67
C ASN A 319 20.46 -18.63 -4.57
N PRO A 320 20.12 -19.81 -4.05
CA PRO A 320 19.98 -20.97 -4.93
C PRO A 320 18.87 -20.72 -5.95
N ARG A 321 19.05 -21.19 -7.17
CA ARG A 321 18.00 -21.03 -8.20
C ARG A 321 16.72 -21.80 -7.80
N PHE A 322 15.60 -21.39 -8.33
CA PHE A 322 14.32 -22.04 -8.04
C PHE A 322 14.42 -23.54 -8.29
N ALA A 323 14.92 -23.93 -9.46
CA ALA A 323 14.98 -25.36 -9.84
C ALA A 323 16.00 -26.13 -9.01
N SER A 324 16.87 -25.47 -8.21
CA SER A 324 17.70 -26.21 -7.22
C SER A 324 16.84 -26.78 -6.10
N TYR A 325 15.67 -26.20 -5.84
CA TYR A 325 14.75 -26.68 -4.78
C TYR A 325 13.82 -27.76 -5.35
N THR A 326 13.35 -27.55 -6.58
CA THR A 326 12.42 -28.49 -7.26
C THR A 326 12.64 -28.43 -8.75
N ASN A 327 12.68 -29.57 -9.43
CA ASN A 327 12.72 -29.62 -10.90
C ASN A 327 11.31 -29.72 -11.46
N ASP A 328 10.27 -29.52 -10.65
CA ASP A 328 8.89 -29.62 -11.20
C ASP A 328 8.61 -28.45 -12.11
N ILE A 329 8.31 -28.69 -13.37
CA ILE A 329 8.21 -27.57 -14.36
C ILE A 329 6.92 -26.77 -14.14
N ALA A 330 5.85 -27.42 -13.67
CA ALA A 330 4.58 -26.72 -13.35
C ALA A 330 4.85 -25.72 -12.24
N LEU A 331 5.57 -26.11 -11.22
CA LEU A 331 5.90 -25.18 -10.12
C LEU A 331 6.70 -24.00 -10.66
N ALA A 332 7.66 -24.26 -11.53
CA ALA A 332 8.49 -23.19 -12.13
C ALA A 332 7.63 -22.29 -12.99
N LYS A 333 6.65 -22.80 -13.73
CA LYS A 333 5.75 -21.96 -14.52
C LYS A 333 4.93 -21.05 -13.61
N ASN A 334 4.41 -21.60 -12.50
CA ASN A 334 3.55 -20.78 -11.58
C ASN A 334 4.39 -19.62 -11.00
N VAL A 335 5.61 -19.91 -10.55
CA VAL A 335 6.37 -18.85 -9.87
C VAL A 335 6.78 -17.79 -10.88
N ALA A 336 7.08 -18.18 -12.12
CA ALA A 336 7.41 -17.22 -13.20
C ALA A 336 6.19 -16.35 -13.49
N ALA A 337 5.00 -16.94 -13.57
CA ALA A 337 3.76 -16.18 -13.83
C ALA A 337 3.53 -15.17 -12.71
N PHE A 338 3.79 -15.57 -11.46
CA PHE A 338 3.62 -14.65 -10.32
C PHE A 338 4.52 -13.43 -10.52
N ILE A 339 5.79 -13.69 -10.82
CA ILE A 339 6.80 -12.62 -10.94
C ILE A 339 6.34 -11.60 -11.98
N ILE A 340 5.82 -12.08 -13.10
N ILE A 340 5.78 -12.06 -13.09
CA ILE A 340 5.37 -11.21 -14.21
CA ILE A 340 5.43 -11.13 -14.19
C ILE A 340 4.16 -10.39 -13.73
C ILE A 340 4.09 -10.45 -13.87
N LEU A 341 3.21 -11.03 -13.05
CA LEU A 341 1.86 -10.46 -12.85
C LEU A 341 1.71 -9.70 -11.52
N ASN A 342 2.69 -9.74 -10.65
CA ASN A 342 2.63 -9.08 -9.34
C ASN A 342 2.77 -7.56 -9.53
N ASP A 343 2.38 -6.79 -8.52
CA ASP A 343 2.71 -5.35 -8.53
C ASP A 343 4.21 -5.17 -8.78
N GLY A 344 4.53 -4.10 -9.47
CA GLY A 344 5.92 -3.68 -9.66
C GLY A 344 6.55 -4.29 -10.89
N ILE A 345 7.85 -4.33 -10.89
CA ILE A 345 8.65 -4.59 -12.10
C ILE A 345 9.09 -6.04 -12.05
N PRO A 346 8.65 -6.89 -12.97
CA PRO A 346 9.15 -8.26 -12.99
C PRO A 346 10.64 -8.30 -13.28
N ILE A 347 11.34 -9.23 -12.62
CA ILE A 347 12.78 -9.42 -12.85
C ILE A 347 13.08 -10.92 -12.89
N ILE A 348 13.49 -11.37 -14.05
CA ILE A 348 13.85 -12.79 -14.32
C ILE A 348 15.34 -12.87 -14.51
N TYR A 349 16.00 -13.80 -13.85
CA TYR A 349 17.47 -13.93 -13.92
C TYR A 349 17.87 -14.93 -15.03
N ALA A 350 18.69 -14.45 -15.98
CA ALA A 350 19.25 -15.24 -17.09
C ALA A 350 19.53 -16.69 -16.61
N GLY A 351 18.88 -17.65 -17.22
CA GLY A 351 18.99 -19.08 -16.95
C GLY A 351 17.72 -19.60 -16.38
N GLN A 352 16.95 -18.75 -15.69
CA GLN A 352 15.65 -19.17 -15.12
C GLN A 352 14.73 -19.73 -16.21
N GLU A 353 14.76 -19.09 -17.36
CA GLU A 353 13.92 -19.50 -18.51
C GLU A 353 14.41 -20.80 -19.14
N GLN A 354 15.62 -21.24 -18.82
CA GLN A 354 16.11 -22.56 -19.25
C GLN A 354 16.15 -23.50 -18.07
N HIS A 355 15.40 -23.18 -16.99
CA HIS A 355 15.25 -24.14 -15.87
C HIS A 355 16.60 -24.50 -15.26
N TYR A 356 17.51 -23.53 -15.16
CA TYR A 356 18.81 -23.75 -14.50
C TYR A 356 18.63 -24.04 -13.01
N ALA A 357 19.41 -24.97 -12.49
CA ALA A 357 19.20 -25.50 -11.13
C ALA A 357 20.41 -25.35 -10.24
N GLY A 358 21.31 -24.42 -10.54
CA GLY A 358 22.45 -24.22 -9.62
C GLY A 358 22.08 -23.73 -8.25
N GLY A 359 22.86 -24.17 -7.27
CA GLY A 359 22.68 -23.73 -5.89
C GLY A 359 23.39 -22.45 -5.59
N ASN A 360 23.81 -22.28 -4.34
CA ASN A 360 24.46 -21.03 -3.93
C ASN A 360 25.74 -20.76 -4.74
N ASP A 361 26.07 -19.48 -4.77
CA ASP A 361 27.29 -18.91 -5.37
C ASP A 361 28.49 -19.82 -5.07
N PRO A 362 29.25 -20.28 -6.05
CA PRO A 362 29.13 -19.85 -7.46
C PRO A 362 28.24 -20.60 -8.43
N ALA A 363 27.48 -21.59 -7.93
CA ALA A 363 26.77 -22.57 -8.77
C ALA A 363 25.64 -21.90 -9.52
N ASN A 364 25.19 -20.74 -9.04
CA ASN A 364 24.07 -20.00 -9.65
C ASN A 364 24.56 -18.94 -10.64
N ARG A 365 25.81 -19.01 -11.09
CA ARG A 365 26.36 -18.06 -12.08
C ARG A 365 26.62 -18.82 -13.40
N GLU A 366 25.75 -19.76 -13.71
CA GLU A 366 25.90 -20.56 -14.94
C GLU A 366 25.87 -19.68 -16.19
N ALA A 367 26.66 -20.05 -17.19
CA ALA A 367 26.65 -19.38 -18.49
C ALA A 367 25.35 -19.67 -19.23
N THR A 368 24.68 -18.61 -19.69
CA THR A 368 23.40 -18.75 -20.44
C THR A 368 23.68 -19.41 -21.78
N TRP A 369 24.86 -19.19 -22.36
CA TRP A 369 25.12 -19.72 -23.72
C TRP A 369 25.14 -21.25 -23.71
N LEU A 370 25.49 -21.88 -22.61
CA LEU A 370 25.58 -23.38 -22.64
C LEU A 370 24.20 -24.02 -22.81
N SER A 371 23.09 -23.29 -22.67
CA SER A 371 21.75 -23.82 -22.95
C SER A 371 21.57 -23.97 -24.45
N GLY A 372 22.32 -23.21 -25.25
CA GLY A 372 22.02 -23.07 -26.70
C GLY A 372 20.94 -22.05 -26.99
N TYR A 373 20.47 -21.31 -25.99
CA TYR A 373 19.45 -20.24 -26.12
C TYR A 373 18.19 -20.73 -26.85
N PRO A 374 17.63 -21.90 -26.51
CA PRO A 374 16.42 -22.37 -27.23
C PRO A 374 15.20 -21.50 -26.89
N THR A 375 14.48 -21.08 -27.93
CA THR A 375 13.25 -20.25 -27.84
C THR A 375 12.01 -21.12 -27.72
N ASP A 376 12.20 -22.43 -27.67
CA ASP A 376 11.08 -23.40 -27.62
C ASP A 376 11.07 -24.14 -26.30
N SER A 377 11.83 -23.70 -25.30
CA SER A 377 11.82 -24.37 -23.99
C SER A 377 10.53 -24.02 -23.26
N GLU A 378 10.20 -24.83 -22.27
CA GLU A 378 8.87 -24.67 -21.63
C GLU A 378 8.81 -23.30 -20.96
N LEU A 379 9.89 -22.91 -20.29
CA LEU A 379 9.79 -21.64 -19.51
C LEU A 379 10.04 -20.42 -20.40
N TYR A 380 10.70 -20.57 -21.55
CA TYR A 380 10.79 -19.46 -22.50
C TYR A 380 9.38 -19.12 -22.99
N LYS A 381 8.63 -20.17 -23.33
CA LYS A 381 7.26 -20.03 -23.82
C LYS A 381 6.34 -19.45 -22.75
N LEU A 382 6.39 -19.99 -21.55
CA LEU A 382 5.57 -19.48 -20.43
C LEU A 382 5.85 -17.98 -20.25
N ILE A 383 7.10 -17.62 -20.11
CA ILE A 383 7.48 -16.22 -19.80
C ILE A 383 7.03 -15.34 -20.96
N ALA A 384 7.19 -15.81 -22.18
CA ALA A 384 6.75 -15.04 -23.37
C ALA A 384 5.22 -14.81 -23.30
N SER A 385 4.46 -15.85 -22.93
CA SER A 385 2.99 -15.72 -22.81
C SER A 385 2.60 -14.72 -21.73
N ALA A 386 3.29 -14.74 -20.61
CA ALA A 386 2.90 -13.94 -19.45
C ALA A 386 3.31 -12.49 -19.72
N ASN A 387 4.53 -12.29 -20.20
CA ASN A 387 4.96 -10.95 -20.65
C ASN A 387 4.03 -10.44 -21.75
N ALA A 388 3.56 -11.31 -22.65
CA ALA A 388 2.74 -10.82 -23.78
C ALA A 388 1.47 -10.20 -23.20
N ILE A 389 0.79 -10.88 -22.29
CA ILE A 389 -0.51 -10.35 -21.79
C ILE A 389 -0.26 -9.13 -20.90
N ARG A 390 0.82 -9.13 -20.12
CA ARG A 390 1.12 -7.92 -19.33
C ARG A 390 1.37 -6.74 -20.27
N ASN A 391 2.25 -6.92 -21.25
CA ASN A 391 2.59 -5.80 -22.18
C ASN A 391 1.32 -5.35 -22.91
N TYR A 392 0.50 -6.28 -23.35
CA TYR A 392 -0.75 -5.96 -24.05
C TYR A 392 -1.70 -5.21 -23.15
N ALA A 393 -1.93 -5.71 -21.92
CA ALA A 393 -2.89 -5.11 -20.99
C ALA A 393 -2.44 -3.68 -20.69
N ILE A 394 -1.14 -3.50 -20.45
CA ILE A 394 -0.58 -2.15 -20.13
C ILE A 394 -0.86 -1.22 -21.32
N SER A 395 -0.69 -1.71 -22.54
CA SER A 395 -0.83 -0.86 -23.74
C SER A 395 -2.27 -0.38 -23.83
N LYS A 396 -3.22 -1.11 -23.26
CA LYS A 396 -4.66 -0.76 -23.36
C LYS A 396 -5.21 -0.14 -22.09
N ASP A 397 -4.48 -0.16 -20.97
CA ASP A 397 -5.00 0.14 -19.61
C ASP A 397 -3.91 0.93 -18.87
N THR A 398 -3.93 2.27 -18.97
CA THR A 398 -2.91 3.12 -18.30
C THR A 398 -3.02 2.96 -16.78
N GLY A 399 -4.09 2.39 -16.23
CA GLY A 399 -4.25 2.15 -14.78
C GLY A 399 -3.69 0.81 -14.33
N PHE A 400 -3.26 -0.06 -15.24
CA PHE A 400 -2.86 -1.42 -14.83
C PHE A 400 -1.72 -1.31 -13.78
N VAL A 401 -0.69 -0.55 -14.10
CA VAL A 401 0.56 -0.52 -13.28
C VAL A 401 0.30 0.18 -11.94
N THR A 402 -0.78 0.98 -11.77
CA THR A 402 -1.01 1.63 -10.46
C THR A 402 -2.19 1.00 -9.70
N TYR A 403 -2.86 -0.01 -10.26
CA TYR A 403 -3.91 -0.80 -9.57
C TYR A 403 -3.16 -1.78 -8.68
N LYS A 404 -3.33 -1.73 -7.36
CA LYS A 404 -2.54 -2.58 -6.45
C LYS A 404 -3.08 -4.00 -6.51
N ASN A 405 -2.23 -4.92 -6.90
CA ASN A 405 -2.56 -6.36 -6.95
C ASN A 405 -3.36 -6.80 -5.74
N TRP A 406 -4.43 -7.55 -5.99
CA TRP A 406 -5.42 -7.95 -4.99
C TRP A 406 -5.55 -9.45 -4.95
N PRO A 407 -5.00 -10.11 -3.92
CA PRO A 407 -5.24 -11.52 -3.71
C PRO A 407 -6.71 -11.72 -3.35
N ILE A 408 -7.44 -12.50 -4.15
CA ILE A 408 -8.91 -12.65 -3.98
C ILE A 408 -9.28 -14.03 -3.45
N TYR A 409 -8.35 -14.98 -3.40
CA TYR A 409 -8.66 -16.38 -3.04
C TYR A 409 -7.38 -17.06 -2.62
N LYS A 410 -7.47 -17.90 -1.60
CA LYS A 410 -6.40 -18.89 -1.33
C LYS A 410 -7.02 -20.16 -0.77
N ASP A 411 -6.32 -21.28 -0.97
CA ASP A 411 -6.57 -22.54 -0.22
C ASP A 411 -5.20 -23.20 -0.01
N ASP A 412 -5.19 -24.48 0.37
CA ASP A 412 -3.92 -25.13 0.68
C ASP A 412 -2.99 -25.15 -0.54
N THR A 413 -3.51 -25.14 -1.77
CA THR A 413 -2.68 -25.38 -2.97
C THR A 413 -2.84 -24.26 -4.03
N THR A 414 -3.54 -23.16 -3.69
CA THR A 414 -4.02 -22.19 -4.69
C THR A 414 -3.90 -20.78 -4.15
N ILE A 415 -3.50 -19.85 -5.01
CA ILE A 415 -3.69 -18.39 -4.75
C ILE A 415 -4.21 -17.74 -6.03
N ALA A 416 -5.24 -16.91 -5.91
CA ALA A 416 -5.73 -16.14 -7.08
C ALA A 416 -5.63 -14.65 -6.77
N MET A 417 -5.31 -13.90 -7.81
CA MET A 417 -5.09 -12.46 -7.64
C MET A 417 -5.64 -11.72 -8.84
N ARG A 418 -5.99 -10.46 -8.63
N ARG A 418 -6.03 -10.48 -8.61
CA ARG A 418 -6.64 -9.62 -9.65
CA ARG A 418 -6.64 -9.62 -9.65
C ARG A 418 -5.86 -8.31 -9.75
C ARG A 418 -5.83 -8.32 -9.75
N LYS A 419 -5.58 -7.86 -10.96
CA LYS A 419 -4.91 -6.59 -11.20
C LYS A 419 -5.37 -5.99 -12.51
N GLY A 420 -5.71 -4.70 -12.42
CA GLY A 420 -6.07 -3.91 -13.57
C GLY A 420 -7.41 -3.24 -13.42
N THR A 421 -7.64 -2.29 -14.31
CA THR A 421 -8.88 -1.51 -14.35
C THR A 421 -10.10 -2.42 -14.58
N ASP A 422 -11.18 -2.11 -13.86
CA ASP A 422 -12.45 -2.85 -13.97
C ASP A 422 -12.82 -3.01 -15.44
N GLY A 423 -13.10 -4.24 -15.85
CA GLY A 423 -13.46 -4.51 -17.23
C GLY A 423 -12.29 -5.02 -18.04
N SER A 424 -11.07 -4.78 -17.57
CA SER A 424 -9.82 -5.12 -18.28
C SER A 424 -8.87 -5.86 -17.35
N GLN A 425 -9.37 -6.35 -16.22
CA GLN A 425 -8.45 -6.88 -15.20
C GLN A 425 -7.93 -8.24 -15.67
N ILE A 426 -6.69 -8.51 -15.30
CA ILE A 426 -6.07 -9.84 -15.42
C ILE A 426 -6.35 -10.56 -14.11
N VAL A 427 -6.94 -11.74 -14.18
CA VAL A 427 -7.20 -12.57 -12.98
C VAL A 427 -6.37 -13.84 -13.13
N THR A 428 -5.46 -14.01 -12.19
CA THR A 428 -4.44 -15.07 -12.27
C THR A 428 -4.69 -16.08 -11.16
N ILE A 429 -4.73 -17.36 -11.51
CA ILE A 429 -4.94 -18.46 -10.55
C ILE A 429 -3.68 -19.32 -10.59
N LEU A 430 -2.97 -19.40 -9.48
CA LEU A 430 -1.69 -20.13 -9.39
C LEU A 430 -1.85 -21.31 -8.43
N SER A 431 -1.06 -22.33 -8.64
CA SER A 431 -1.19 -23.61 -7.90
C SER A 431 0.18 -24.12 -7.53
N ASN A 432 0.28 -24.77 -6.36
CA ASN A 432 1.48 -25.56 -6.03
C ASN A 432 1.16 -27.06 -6.08
N LYS A 433 0.15 -27.47 -6.85
CA LYS A 433 -0.08 -28.94 -6.95
C LYS A 433 1.07 -29.62 -7.69
N GLY A 434 1.72 -28.94 -8.61
CA GLY A 434 2.80 -29.52 -9.39
C GLY A 434 2.28 -30.35 -10.54
N ALA A 435 3.19 -30.96 -11.25
CA ALA A 435 2.92 -31.50 -12.58
C ALA A 435 1.99 -32.73 -12.51
N SER A 436 1.89 -33.38 -11.37
N SER A 436 1.89 -33.37 -11.35
CA SER A 436 0.95 -34.53 -11.17
CA SER A 436 0.99 -34.54 -11.09
C SER A 436 -0.32 -34.08 -10.42
C SER A 436 -0.43 -34.10 -10.69
N GLY A 437 -0.65 -32.80 -10.53
CA GLY A 437 -1.89 -32.24 -9.98
C GLY A 437 -3.08 -32.88 -10.66
N ASP A 438 -4.15 -33.02 -9.92
CA ASP A 438 -5.40 -33.64 -10.46
C ASP A 438 -6.15 -32.60 -11.30
N SER A 439 -7.15 -33.06 -12.05
CA SER A 439 -8.02 -32.18 -12.85
C SER A 439 -9.31 -31.94 -12.09
N TYR A 440 -9.70 -30.67 -11.98
CA TYR A 440 -10.89 -30.27 -11.21
C TYR A 440 -11.30 -28.86 -11.65
N THR A 441 -12.49 -28.44 -11.26
CA THR A 441 -12.99 -27.06 -11.54
C THR A 441 -12.96 -26.29 -10.24
N LEU A 442 -12.25 -25.16 -10.21
CA LEU A 442 -12.28 -24.22 -9.06
C LEU A 442 -13.33 -23.15 -9.34
N SER A 443 -14.35 -23.05 -8.50
CA SER A 443 -15.39 -21.99 -8.61
C SER A 443 -14.87 -20.73 -7.94
N LEU A 444 -14.45 -19.76 -8.75
CA LEU A 444 -13.73 -18.58 -8.21
C LEU A 444 -14.67 -17.39 -8.09
N SER A 445 -14.81 -16.89 -6.86
CA SER A 445 -15.61 -15.67 -6.57
C SER A 445 -14.65 -14.49 -6.49
N GLY A 446 -15.16 -13.30 -6.77
CA GLY A 446 -14.44 -12.04 -6.51
C GLY A 446 -13.57 -11.55 -7.68
N ALA A 447 -13.68 -12.15 -8.87
CA ALA A 447 -12.86 -11.81 -10.05
C ALA A 447 -13.36 -10.49 -10.65
N GLY A 448 -14.64 -10.16 -10.45
CA GLY A 448 -15.16 -8.83 -10.85
C GLY A 448 -15.61 -8.74 -12.28
N TYR A 449 -15.73 -9.85 -12.97
CA TYR A 449 -16.19 -9.88 -14.37
C TYR A 449 -17.71 -10.06 -14.30
N THR A 450 -18.46 -9.64 -15.31
CA THR A 450 -19.92 -9.82 -15.33
C THR A 450 -20.32 -11.18 -15.93
N ALA A 451 -21.44 -11.72 -15.45
CA ALA A 451 -22.06 -13.00 -15.88
C ALA A 451 -22.18 -13.08 -17.41
N GLY A 452 -21.79 -14.22 -17.99
CA GLY A 452 -21.74 -14.45 -19.45
C GLY A 452 -20.49 -13.92 -20.13
N GLN A 453 -19.65 -13.16 -19.42
CA GLN A 453 -18.42 -12.64 -20.03
C GLN A 453 -17.55 -13.82 -20.44
N GLN A 454 -17.06 -13.80 -21.67
CA GLN A 454 -16.02 -14.75 -22.14
C GLN A 454 -14.64 -14.26 -21.68
N LEU A 455 -13.84 -15.16 -21.13
CA LEU A 455 -12.44 -14.88 -20.75
C LEU A 455 -11.57 -15.84 -21.48
N THR A 456 -10.41 -15.36 -21.88
CA THR A 456 -9.38 -16.22 -22.46
C THR A 456 -8.38 -16.51 -21.36
N GLU A 457 -8.02 -17.78 -21.20
CA GLU A 457 -6.87 -18.24 -20.38
C GLU A 457 -5.67 -18.16 -21.30
N VAL A 458 -4.87 -17.10 -21.19
CA VAL A 458 -3.88 -16.73 -22.23
C VAL A 458 -2.62 -17.57 -22.18
N ILE A 459 -2.46 -18.47 -21.19
CA ILE A 459 -1.23 -19.32 -21.18
C ILE A 459 -1.50 -20.52 -22.10
N GLY A 460 -2.65 -21.15 -21.96
CA GLY A 460 -3.05 -22.35 -22.76
C GLY A 460 -4.04 -22.04 -23.85
N CYS A 461 -4.56 -20.79 -23.92
CA CYS A 461 -5.42 -20.26 -25.01
C CYS A 461 -6.80 -20.94 -25.04
N THR A 462 -7.30 -21.42 -23.92
CA THR A 462 -8.70 -21.91 -23.78
C THR A 462 -9.57 -20.74 -23.34
N THR A 463 -10.87 -20.93 -23.40
CA THR A 463 -11.87 -19.92 -23.01
C THR A 463 -12.67 -20.44 -21.82
N VAL A 464 -13.04 -19.52 -20.94
CA VAL A 464 -13.92 -19.86 -19.79
C VAL A 464 -14.99 -18.78 -19.79
N THR A 465 -16.18 -19.12 -19.37
CA THR A 465 -17.31 -18.19 -19.35
C THR A 465 -17.70 -17.95 -17.89
N VAL A 466 -17.88 -16.70 -17.49
CA VAL A 466 -18.34 -16.31 -16.12
C VAL A 466 -19.79 -16.81 -15.96
N GLY A 467 -20.11 -17.53 -14.87
CA GLY A 467 -21.45 -18.11 -14.62
C GLY A 467 -22.49 -17.04 -14.28
N SER A 468 -23.78 -17.40 -14.28
CA SER A 468 -24.93 -16.51 -13.93
C SER A 468 -24.71 -15.86 -12.55
N ASP A 469 -24.12 -16.60 -11.60
CA ASP A 469 -23.80 -16.13 -10.22
C ASP A 469 -22.57 -15.19 -10.16
N GLY A 470 -21.86 -14.95 -11.28
CA GLY A 470 -20.65 -14.11 -11.31
C GLY A 470 -19.41 -14.91 -10.93
N ASN A 471 -19.54 -16.21 -10.63
CA ASN A 471 -18.35 -17.04 -10.29
C ASN A 471 -17.70 -17.51 -11.58
N VAL A 472 -16.38 -17.68 -11.58
CA VAL A 472 -15.64 -18.16 -12.77
C VAL A 472 -15.31 -19.65 -12.56
N PRO A 473 -15.79 -20.55 -13.44
CA PRO A 473 -15.47 -21.97 -13.36
C PRO A 473 -14.09 -22.21 -13.97
N VAL A 474 -13.06 -22.14 -13.13
CA VAL A 474 -11.65 -22.21 -13.60
C VAL A 474 -11.25 -23.67 -13.70
N PRO A 475 -10.97 -24.21 -14.92
CA PRO A 475 -10.50 -25.58 -15.08
C PRO A 475 -9.06 -25.60 -14.60
N MET A 476 -8.81 -26.55 -13.71
CA MET A 476 -7.48 -26.74 -13.10
C MET A 476 -6.99 -28.09 -13.57
N ALA A 477 -5.73 -28.19 -13.94
CA ALA A 477 -5.16 -29.43 -14.42
C ALA A 477 -3.66 -29.26 -14.49
N GLY A 478 -2.95 -30.36 -14.28
CA GLY A 478 -1.50 -30.38 -14.54
C GLY A 478 -0.74 -29.41 -13.62
N GLY A 479 -1.37 -28.94 -12.55
CA GLY A 479 -0.77 -27.90 -11.70
C GLY A 479 -0.50 -26.62 -12.48
N LEU A 480 -1.17 -26.38 -13.60
CA LEU A 480 -0.77 -25.27 -14.49
C LEU A 480 -1.31 -23.94 -14.00
N PRO A 481 -0.57 -22.84 -14.21
CA PRO A 481 -1.09 -21.51 -13.90
C PRO A 481 -2.13 -21.13 -14.94
N ARG A 482 -3.11 -20.35 -14.48
CA ARG A 482 -4.19 -19.86 -15.36
C ARG A 482 -4.20 -18.33 -15.29
N VAL A 483 -4.20 -17.68 -16.44
CA VAL A 483 -4.14 -16.20 -16.53
C VAL A 483 -5.31 -15.77 -17.41
N LEU A 484 -6.32 -15.16 -16.80
CA LEU A 484 -7.60 -14.82 -17.46
C LEU A 484 -7.63 -13.33 -17.83
N TYR A 485 -8.17 -13.05 -19.02
CA TYR A 485 -8.38 -11.68 -19.54
C TYR A 485 -9.58 -11.71 -20.46
N PRO A 486 -10.40 -10.66 -20.49
CA PRO A 486 -11.60 -10.72 -21.33
C PRO A 486 -11.32 -10.94 -22.82
N THR A 487 -12.03 -11.90 -23.43
CA THR A 487 -11.84 -12.27 -24.85
C THR A 487 -12.12 -11.04 -25.70
N GLU A 488 -13.13 -10.25 -25.35
CA GLU A 488 -13.56 -9.07 -26.16
C GLU A 488 -12.39 -8.07 -26.19
N LYS A 489 -11.59 -8.00 -25.13
CA LYS A 489 -10.50 -6.96 -25.04
C LYS A 489 -9.26 -7.41 -25.83
N LEU A 490 -9.21 -8.63 -26.34
CA LEU A 490 -8.06 -9.21 -27.11
C LEU A 490 -8.18 -8.93 -28.61
N ALA A 491 -9.26 -8.25 -29.04
CA ALA A 491 -9.47 -7.82 -30.44
C ALA A 491 -8.19 -7.18 -30.95
N GLY A 492 -7.62 -7.71 -32.03
CA GLY A 492 -6.49 -7.10 -32.74
C GLY A 492 -5.14 -7.46 -32.14
N SER A 493 -5.10 -8.09 -30.97
CA SER A 493 -3.84 -8.59 -30.36
C SER A 493 -3.37 -9.86 -31.10
N LYS A 494 -2.10 -10.20 -30.96
CA LYS A 494 -1.50 -11.44 -31.50
C LYS A 494 -1.64 -12.58 -30.48
N ILE A 495 -2.37 -12.38 -29.38
CA ILE A 495 -2.41 -13.38 -28.28
C ILE A 495 -3.44 -14.47 -28.61
N CYS A 496 -3.05 -15.73 -28.53
CA CYS A 496 -3.97 -16.89 -28.71
C CYS A 496 -4.65 -16.77 -30.09
N SER A 497 -3.84 -16.34 -31.08
CA SER A 497 -4.27 -15.80 -32.40
C SER A 497 -4.93 -14.43 -32.24
N ALA B 22 1.53 11.76 7.44
CA ALA B 22 1.71 10.51 8.19
C ALA B 22 1.23 9.36 7.30
N THR B 23 1.88 8.22 7.44
CA THR B 23 1.65 7.08 6.55
C THR B 23 0.44 6.26 6.99
N PRO B 24 -0.08 5.38 6.11
CA PRO B 24 -1.11 4.43 6.52
C PRO B 24 -0.78 3.65 7.79
N ALA B 25 0.43 3.09 7.90
CA ALA B 25 0.87 2.41 9.13
C ALA B 25 0.78 3.35 10.33
N ASP B 26 1.16 4.63 10.17
CA ASP B 26 1.08 5.63 11.26
C ASP B 26 -0.39 5.79 11.71
N TRP B 27 -1.29 5.77 10.74
CA TRP B 27 -2.71 6.13 11.01
C TRP B 27 -3.46 4.97 11.67
N ARG B 28 -2.96 3.73 11.61
CA ARG B 28 -3.69 2.56 12.14
C ARG B 28 -4.02 2.80 13.63
N SER B 29 -3.12 3.46 14.34
CA SER B 29 -3.24 3.56 15.81
C SER B 29 -4.13 4.74 16.20
N GLN B 30 -4.61 5.51 15.23
CA GLN B 30 -5.27 6.79 15.56
C GLN B 30 -6.77 6.57 15.82
N SER B 31 -7.39 7.55 16.44
CA SER B 31 -8.84 7.61 16.76
C SER B 31 -9.26 9.02 16.37
N ILE B 32 -10.27 9.15 15.51
CA ILE B 32 -10.60 10.44 14.86
C ILE B 32 -11.89 11.03 15.46
N TYR B 33 -11.85 12.31 15.80
CA TYR B 33 -13.06 13.12 16.05
C TYR B 33 -13.28 13.97 14.79
N PHE B 34 -14.40 13.67 14.14
CA PHE B 34 -14.83 14.30 12.87
C PHE B 34 -15.75 15.47 13.23
N LEU B 35 -15.47 16.67 12.77
CA LEU B 35 -16.29 17.87 13.09
C LEU B 35 -16.51 18.69 11.83
N LEU B 36 -17.63 19.40 11.80
CA LEU B 36 -17.85 20.44 10.80
C LEU B 36 -17.24 21.72 11.35
N THR B 37 -16.35 22.32 10.60
CA THR B 37 -15.66 23.55 11.09
C THR B 37 -16.70 24.61 11.44
N ASP B 38 -17.73 24.79 10.62
CA ASP B 38 -18.73 25.86 10.86
C ASP B 38 -19.51 25.59 12.15
N ARG B 39 -19.59 24.34 12.61
CA ARG B 39 -20.55 23.94 13.67
C ARG B 39 -19.85 23.52 14.96
N PHE B 40 -18.52 23.41 15.04
CA PHE B 40 -17.89 22.88 16.28
C PHE B 40 -17.70 23.97 17.37
N ALA B 41 -17.02 25.06 17.01
CA ALA B 41 -16.55 26.04 18.00
C ALA B 41 -16.32 27.37 17.34
N ARG B 42 -16.93 28.42 17.90
CA ARG B 42 -16.74 29.80 17.37
C ARG B 42 -15.50 30.39 18.01
N THR B 43 -14.93 31.41 17.40
CA THR B 43 -13.77 32.14 17.97
C THR B 43 -14.12 32.69 19.36
N ASP B 44 -15.32 33.21 19.52
CA ASP B 44 -15.74 33.87 20.79
C ASP B 44 -16.06 32.84 21.89
N GLY B 45 -16.09 31.54 21.56
CA GLY B 45 -16.34 30.47 22.56
C GLY B 45 -17.75 30.47 23.12
N SER B 46 -18.69 31.13 22.47
CA SER B 46 -20.11 31.15 22.89
C SER B 46 -20.64 29.72 22.92
N THR B 47 -21.40 29.39 23.94
CA THR B 47 -22.18 28.14 24.02
C THR B 47 -23.68 28.45 23.83
N THR B 48 -24.05 29.68 23.50
CA THR B 48 -25.47 30.06 23.30
C THR B 48 -25.74 30.63 21.91
N ALA B 49 -24.73 30.95 21.12
CA ALA B 49 -24.89 31.56 19.78
C ALA B 49 -25.85 30.71 18.92
N THR B 50 -26.88 31.31 18.38
CA THR B 50 -27.94 30.62 17.61
C THR B 50 -27.31 29.83 16.46
N CYS B 51 -27.77 28.61 16.31
CA CYS B 51 -27.46 27.82 15.09
C CYS B 51 -28.69 26.98 14.78
N ASN B 52 -29.58 27.57 13.98
N ASN B 52 -29.62 27.55 14.02
CA ASN B 52 -30.81 26.94 13.48
CA ASN B 52 -30.87 26.85 13.62
C ASN B 52 -30.42 26.07 12.29
C ASN B 52 -30.52 26.07 12.36
N THR B 53 -30.36 24.75 12.48
CA THR B 53 -29.89 23.90 11.36
C THR B 53 -30.77 24.05 10.14
N ALA B 54 -32.07 24.29 10.32
CA ALA B 54 -33.01 24.42 9.19
C ALA B 54 -32.64 25.64 8.32
N ASP B 55 -31.97 26.65 8.87
CA ASP B 55 -31.62 27.87 8.10
C ASP B 55 -30.52 27.55 7.07
N GLN B 56 -29.75 26.48 7.33
CA GLN B 56 -28.60 26.06 6.46
C GLN B 56 -27.64 27.22 6.16
N LYS B 57 -27.41 28.08 7.14
CA LYS B 57 -26.48 29.23 6.98
C LYS B 57 -25.22 29.02 7.82
N TYR B 58 -24.15 29.76 7.52
CA TYR B 58 -22.97 29.82 8.39
C TYR B 58 -23.43 30.14 9.82
N CYS B 59 -23.03 29.35 10.80
CA CYS B 59 -23.26 29.61 12.24
C CYS B 59 -22.03 30.24 12.91
N GLY B 60 -20.86 30.21 12.25
CA GLY B 60 -19.67 30.96 12.66
C GLY B 60 -18.55 30.12 13.31
N GLY B 61 -18.57 28.79 13.22
CA GLY B 61 -17.44 27.98 13.69
C GLY B 61 -16.15 28.31 12.91
N THR B 62 -15.01 28.28 13.60
CA THR B 62 -13.69 28.64 13.03
C THR B 62 -12.63 27.64 13.43
N TRP B 63 -11.50 27.75 12.72
CA TRP B 63 -10.27 27.01 13.05
C TRP B 63 -9.76 27.43 14.44
N GLN B 64 -9.77 28.73 14.75
CA GLN B 64 -9.35 29.21 16.10
C GLN B 64 -10.26 28.56 17.14
N GLY B 65 -11.54 28.44 16.86
CA GLY B 65 -12.49 27.84 17.80
C GLY B 65 -12.06 26.43 18.11
N ILE B 66 -11.67 25.68 17.07
CA ILE B 66 -11.22 24.28 17.28
C ILE B 66 -10.03 24.26 18.25
N ILE B 67 -9.03 25.11 17.99
CA ILE B 67 -7.81 25.17 18.84
C ILE B 67 -8.24 25.34 20.30
N ASP B 68 -9.14 26.28 20.55
CA ASP B 68 -9.59 26.63 21.92
C ASP B 68 -10.25 25.43 22.60
N LYS B 69 -10.77 24.46 21.84
CA LYS B 69 -11.52 23.32 22.45
C LYS B 69 -10.74 22.01 22.33
N LEU B 70 -9.45 22.05 22.03
CA LEU B 70 -8.73 20.78 21.84
C LEU B 70 -8.63 19.98 23.13
N ASP B 71 -8.67 20.61 24.30
CA ASP B 71 -8.68 19.84 25.57
C ASP B 71 -9.94 18.95 25.65
N TYR B 72 -11.08 19.48 25.22
CA TYR B 72 -12.38 18.76 25.21
C TYR B 72 -12.25 17.50 24.35
N ILE B 73 -11.68 17.68 23.16
CA ILE B 73 -11.51 16.55 22.19
C ILE B 73 -10.51 15.55 22.78
N GLN B 74 -9.36 16.04 23.20
CA GLN B 74 -8.28 15.10 23.62
C GLN B 74 -8.69 14.39 24.94
N GLY B 75 -9.56 15.02 25.74
CA GLY B 75 -10.11 14.42 26.96
C GLY B 75 -10.94 13.17 26.71
N MET B 76 -11.42 12.98 25.47
CA MET B 76 -12.12 11.72 25.10
C MET B 76 -11.12 10.70 24.57
N GLY B 77 -9.84 11.05 24.55
CA GLY B 77 -8.79 10.10 24.12
C GLY B 77 -8.67 9.99 22.61
N PHE B 78 -9.24 10.91 21.84
CA PHE B 78 -8.97 11.02 20.40
C PHE B 78 -7.53 11.45 20.17
N THR B 79 -6.94 10.99 19.06
CA THR B 79 -5.52 11.32 18.68
C THR B 79 -5.49 12.15 17.41
N ALA B 80 -6.65 12.45 16.84
CA ALA B 80 -6.74 13.13 15.53
C ALA B 80 -8.12 13.81 15.38
N ILE B 81 -8.18 14.81 14.51
CA ILE B 81 -9.45 15.42 14.07
C ILE B 81 -9.51 15.36 12.54
N TRP B 82 -10.72 15.19 12.03
CA TRP B 82 -11.06 15.32 10.60
C TRP B 82 -11.94 16.57 10.51
N ILE B 83 -11.49 17.58 9.79
CA ILE B 83 -12.26 18.82 9.54
C ILE B 83 -12.76 18.85 8.10
N THR B 84 -13.87 19.55 7.90
CA THR B 84 -14.56 19.67 6.60
C THR B 84 -13.70 20.54 5.66
N PRO B 85 -13.99 20.54 4.36
CA PRO B 85 -13.10 21.16 3.39
C PRO B 85 -12.76 22.62 3.69
N VAL B 86 -11.57 23.00 3.22
CA VAL B 86 -10.99 24.33 3.61
C VAL B 86 -11.04 25.29 2.45
N THR B 87 -11.31 24.86 1.23
CA THR B 87 -11.24 25.70 0.03
C THR B 87 -12.35 26.76 -0.02
N ALA B 88 -12.07 27.86 -0.75
CA ALA B 88 -13.09 28.88 -0.94
C ALA B 88 -14.28 28.34 -1.70
N GLN B 89 -15.47 28.78 -1.30
CA GLN B 89 -16.75 28.21 -1.76
C GLN B 89 -17.53 29.20 -2.62
N LEU B 90 -18.59 28.74 -3.24
CA LEU B 90 -19.58 29.70 -3.80
C LEU B 90 -19.98 30.66 -2.69
N PRO B 91 -20.17 31.97 -3.03
CA PRO B 91 -20.49 32.95 -2.01
C PRO B 91 -21.96 33.11 -1.64
N GLN B 92 -22.85 32.57 -2.45
CA GLN B 92 -24.29 32.87 -2.33
C GLN B 92 -24.86 32.14 -1.12
N THR B 93 -25.94 32.69 -0.60
CA THR B 93 -26.90 31.90 0.16
C THR B 93 -27.85 31.35 -0.89
N THR B 94 -27.69 30.07 -1.24
CA THR B 94 -28.50 29.37 -2.24
C THR B 94 -29.90 29.11 -1.64
N ALA B 95 -30.77 28.53 -2.42
CA ALA B 95 -32.07 28.00 -1.96
C ALA B 95 -31.86 26.88 -0.91
N TYR B 96 -30.67 26.28 -0.92
CA TYR B 96 -30.29 25.18 -0.01
C TYR B 96 -29.33 25.73 1.02
N GLY B 97 -29.22 27.04 1.14
CA GLY B 97 -28.40 27.68 2.15
C GLY B 97 -26.97 27.98 1.69
N ASP B 98 -26.16 28.24 2.67
CA ASP B 98 -24.73 28.60 2.50
C ASP B 98 -23.90 27.32 2.24
N ALA B 99 -22.71 27.53 1.72
CA ALA B 99 -21.66 26.49 1.64
C ALA B 99 -20.96 26.26 2.97
N TYR B 100 -21.73 26.19 4.06
CA TYR B 100 -21.14 26.13 5.42
C TYR B 100 -20.36 24.82 5.61
N HIS B 101 -20.75 23.80 4.89
CA HIS B 101 -20.20 22.44 4.98
C HIS B 101 -18.93 22.26 4.16
N GLY B 102 -18.59 23.17 3.24
CA GLY B 102 -17.33 23.11 2.48
C GLY B 102 -17.35 22.29 1.21
N TYR B 103 -18.48 21.70 0.81
CA TYR B 103 -18.53 20.79 -0.35
C TYR B 103 -18.87 21.43 -1.68
N TRP B 104 -18.90 22.76 -1.74
CA TRP B 104 -19.34 23.54 -2.91
C TRP B 104 -18.22 24.51 -3.33
N GLN B 105 -17.02 23.98 -3.63
CA GLN B 105 -15.84 24.86 -3.78
C GLN B 105 -15.86 25.57 -5.13
N GLN B 106 -15.21 26.72 -5.18
CA GLN B 106 -15.02 27.46 -6.45
C GLN B 106 -13.55 27.87 -6.72
N ASP B 107 -12.80 28.27 -5.71
CA ASP B 107 -11.38 28.70 -5.86
C ASP B 107 -10.53 27.85 -4.93
N ILE B 108 -9.87 26.82 -5.48
CA ILE B 108 -9.12 25.86 -4.62
C ILE B 108 -7.82 26.47 -4.10
N TYR B 109 -7.36 27.61 -4.63
CA TYR B 109 -6.13 28.29 -4.14
C TYR B 109 -6.43 29.42 -3.16
N SER B 110 -7.67 29.56 -2.73
CA SER B 110 -8.06 30.44 -1.61
C SER B 110 -8.74 29.58 -0.55
N LEU B 111 -8.66 30.05 0.67
CA LEU B 111 -9.34 29.43 1.82
C LEU B 111 -10.68 30.08 2.03
N ASN B 112 -11.56 29.32 2.69
CA ASN B 112 -12.90 29.79 3.04
C ASN B 112 -12.73 30.76 4.21
N GLU B 113 -12.83 32.06 3.94
CA GLU B 113 -12.51 33.11 4.95
C GLU B 113 -13.47 33.04 6.14
N ASN B 114 -14.63 32.36 6.02
CA ASN B 114 -15.53 32.18 7.18
C ASN B 114 -14.80 31.51 8.33
N TYR B 115 -13.84 30.61 8.04
CA TYR B 115 -13.18 29.82 9.07
C TYR B 115 -11.93 30.46 9.64
N GLY B 116 -11.42 31.49 8.97
CA GLY B 116 -10.14 32.11 9.37
C GLY B 116 -9.21 32.31 8.19
N THR B 117 -7.93 32.49 8.47
CA THR B 117 -6.87 32.76 7.47
C THR B 117 -5.99 31.54 7.34
N ALA B 118 -5.07 31.58 6.39
CA ALA B 118 -4.00 30.58 6.24
C ALA B 118 -3.20 30.44 7.53
N ASP B 119 -2.87 31.55 8.19
CA ASP B 119 -2.16 31.45 9.49
C ASP B 119 -3.00 30.72 10.57
N ASP B 120 -4.31 30.88 10.61
CA ASP B 120 -5.15 30.15 11.59
C ASP B 120 -5.16 28.65 11.25
N LEU B 121 -5.18 28.30 9.98
CA LEU B 121 -5.21 26.86 9.63
C LEU B 121 -3.85 26.24 9.96
N LYS B 122 -2.77 26.96 9.68
CA LYS B 122 -1.43 26.52 10.11
C LYS B 122 -1.36 26.45 11.62
N ALA B 123 -2.04 27.37 12.31
CA ALA B 123 -2.01 27.40 13.80
C ALA B 123 -2.69 26.12 14.35
N LEU B 124 -3.79 25.74 13.71
CA LEU B 124 -4.54 24.52 14.12
C LEU B 124 -3.65 23.27 13.95
N SER B 125 -3.01 23.14 12.79
CA SER B 125 -2.06 22.04 12.52
C SER B 125 -0.99 22.00 13.63
N SER B 126 -0.41 23.15 13.87
CA SER B 126 0.65 23.31 14.90
C SER B 126 0.12 22.91 16.29
N ALA B 127 -1.07 23.36 16.67
CA ALA B 127 -1.62 23.09 18.02
C ALA B 127 -1.84 21.58 18.17
N LEU B 128 -2.37 20.93 17.14
CA LEU B 128 -2.53 19.47 17.18
C LEU B 128 -1.17 18.79 17.33
N HIS B 129 -0.18 19.19 16.52
CA HIS B 129 1.16 18.57 16.58
C HIS B 129 1.77 18.75 17.98
N GLU B 130 1.55 19.88 18.64
CA GLU B 130 2.12 20.12 20.00
C GLU B 130 1.52 19.10 20.97
N ARG B 131 0.30 18.62 20.73
CA ARG B 131 -0.38 17.69 21.63
C ARG B 131 -0.20 16.26 21.19
N GLY B 132 0.59 16.03 20.14
CA GLY B 132 0.86 14.68 19.61
C GLY B 132 -0.33 14.15 18.79
N MET B 133 -1.11 15.06 18.26
CA MET B 133 -2.34 14.71 17.50
C MET B 133 -2.10 14.96 16.01
N TYR B 134 -2.95 14.35 15.18
CA TYR B 134 -2.93 14.52 13.71
C TYR B 134 -4.11 15.38 13.24
N LEU B 135 -3.86 16.10 12.17
CA LEU B 135 -4.89 16.81 11.38
C LEU B 135 -5.20 16.02 10.11
N MET B 136 -6.48 15.72 9.94
CA MET B 136 -7.02 15.17 8.68
C MET B 136 -7.93 16.24 8.06
N VAL B 137 -7.74 16.51 6.77
CA VAL B 137 -8.53 17.49 6.01
C VAL B 137 -9.35 16.75 4.96
N ASP B 138 -10.61 17.14 4.91
CA ASP B 138 -11.58 16.68 3.88
C ASP B 138 -11.31 17.43 2.57
N VAL B 139 -11.27 16.71 1.47
CA VAL B 139 -11.01 17.28 0.13
C VAL B 139 -12.01 16.69 -0.87
N VAL B 140 -12.38 17.48 -1.86
CA VAL B 140 -13.22 17.06 -3.00
C VAL B 140 -12.41 17.25 -4.27
N ALA B 141 -12.34 16.21 -5.09
CA ALA B 141 -11.79 16.32 -6.44
C ALA B 141 -12.90 16.21 -7.47
N ASN B 142 -14.04 15.62 -7.10
CA ASN B 142 -15.08 15.31 -8.11
C ASN B 142 -15.67 16.58 -8.75
N HIS B 143 -15.95 17.61 -7.94
CA HIS B 143 -16.83 18.71 -8.37
C HIS B 143 -16.49 20.04 -7.71
N MET B 144 -16.93 21.09 -8.40
CA MET B 144 -17.07 22.46 -7.86
C MET B 144 -18.53 22.62 -7.44
N GLY B 145 -18.92 23.80 -7.00
CA GLY B 145 -20.31 24.12 -6.67
C GLY B 145 -20.71 25.38 -7.36
N TYR B 146 -22.00 25.51 -7.70
CA TYR B 146 -22.48 26.71 -8.41
C TYR B 146 -23.93 26.92 -7.98
N ASP B 147 -24.27 28.19 -7.72
CA ASP B 147 -25.66 28.58 -7.39
C ASP B 147 -26.45 28.72 -8.69
N GLY B 148 -27.24 27.71 -9.01
CA GLY B 148 -28.17 27.71 -10.16
C GLY B 148 -27.98 26.52 -11.07
N ALA B 149 -28.74 26.54 -12.17
CA ALA B 149 -28.92 25.44 -13.11
C ALA B 149 -27.58 25.09 -13.80
N GLY B 150 -27.36 23.81 -14.06
CA GLY B 150 -26.18 23.37 -14.83
C GLY B 150 -25.97 24.12 -16.13
N SER B 151 -27.03 24.47 -16.84
CA SER B 151 -26.92 25.18 -18.14
C SER B 151 -26.55 26.66 -17.91
N SER B 152 -26.70 27.20 -16.69
CA SER B 152 -26.43 28.63 -16.41
C SER B 152 -24.98 28.82 -15.94
N VAL B 153 -24.21 27.73 -15.80
CA VAL B 153 -22.90 27.85 -15.10
C VAL B 153 -21.98 28.79 -15.89
N ASP B 154 -21.39 29.74 -15.20
CA ASP B 154 -20.27 30.56 -15.74
C ASP B 154 -18.95 29.92 -15.29
N TYR B 155 -18.29 29.17 -16.17
CA TYR B 155 -17.10 28.39 -15.75
C TYR B 155 -15.93 29.28 -15.36
N SER B 156 -15.96 30.57 -15.71
CA SER B 156 -14.86 31.50 -15.41
C SER B 156 -14.74 31.72 -13.89
N VAL B 157 -15.75 31.40 -13.08
CA VAL B 157 -15.61 31.66 -11.62
C VAL B 157 -14.75 30.57 -10.99
N PHE B 158 -14.58 29.40 -11.61
CA PHE B 158 -13.78 28.31 -10.99
C PHE B 158 -12.26 28.55 -11.18
N LYS B 159 -11.49 28.48 -10.10
CA LYS B 159 -10.02 28.64 -10.20
C LYS B 159 -9.37 27.40 -9.66
N PRO B 160 -8.46 26.72 -10.41
CA PRO B 160 -8.00 27.16 -11.73
C PRO B 160 -8.79 26.71 -12.96
N PHE B 161 -9.85 25.94 -12.73
CA PHE B 161 -10.59 25.25 -13.81
C PHE B 161 -11.57 26.24 -14.47
N SER B 162 -11.05 27.34 -15.02
CA SER B 162 -11.89 28.50 -15.47
C SER B 162 -12.41 28.33 -16.87
N SER B 163 -12.76 27.12 -17.27
CA SER B 163 -13.24 26.83 -18.63
C SER B 163 -14.14 25.61 -18.59
N GLN B 164 -15.16 25.59 -19.43
CA GLN B 164 -16.01 24.39 -19.64
C GLN B 164 -15.16 23.18 -20.09
N ASP B 165 -14.01 23.43 -20.71
CA ASP B 165 -13.14 22.36 -21.26
C ASP B 165 -12.61 21.46 -20.13
N TYR B 166 -12.61 21.90 -18.88
CA TYR B 166 -12.12 21.03 -17.77
C TYR B 166 -13.22 20.11 -17.25
N PHE B 167 -14.45 20.25 -17.71
CA PHE B 167 -15.64 19.59 -17.12
C PHE B 167 -16.25 18.59 -18.08
N HIS B 168 -16.88 17.57 -17.51
CA HIS B 168 -17.77 16.66 -18.24
C HIS B 168 -18.96 17.44 -18.74
N PRO B 169 -19.49 17.07 -19.92
CA PRO B 169 -20.77 17.62 -20.36
C PRO B 169 -21.86 17.47 -19.30
N PHE B 170 -22.72 18.49 -19.23
CA PHE B 170 -23.80 18.52 -18.22
C PHE B 170 -24.81 17.39 -18.44
N CYS B 171 -25.07 16.58 -17.42
CA CYS B 171 -26.11 15.52 -17.38
C CYS B 171 -26.27 15.20 -15.90
N PHE B 172 -27.40 14.62 -15.51
CA PHE B 172 -27.58 14.06 -14.16
C PHE B 172 -27.47 12.55 -14.19
N ILE B 173 -27.08 11.99 -13.03
CA ILE B 173 -27.01 10.53 -12.87
C ILE B 173 -28.46 10.04 -12.79
N GLN B 174 -28.88 9.28 -13.79
CA GLN B 174 -30.22 8.65 -13.84
C GLN B 174 -30.12 7.18 -13.49
N ASN B 175 -29.04 6.54 -13.91
CA ASN B 175 -28.83 5.09 -13.73
C ASN B 175 -27.62 4.87 -12.82
N TYR B 176 -27.87 4.63 -11.53
CA TYR B 176 -26.79 4.40 -10.53
C TYR B 176 -26.18 3.00 -10.72
N GLU B 177 -26.80 2.12 -11.51
CA GLU B 177 -26.23 0.79 -11.90
C GLU B 177 -25.20 0.94 -13.03
N ASP B 178 -25.11 2.11 -13.65
CA ASP B 178 -24.17 2.41 -14.75
C ASP B 178 -23.00 3.17 -14.16
N GLN B 179 -21.95 2.46 -13.81
CA GLN B 179 -20.79 3.10 -13.14
C GLN B 179 -20.19 4.22 -14.00
N THR B 180 -20.19 4.13 -15.33
CA THR B 180 -19.71 5.21 -16.21
C THR B 180 -20.52 6.49 -15.97
N GLN B 181 -21.82 6.34 -15.84
CA GLN B 181 -22.73 7.49 -15.65
C GLN B 181 -22.46 8.08 -14.26
N VAL B 182 -22.25 7.22 -13.24
CA VAL B 182 -21.99 7.64 -11.84
C VAL B 182 -20.76 8.53 -11.83
N GLU B 183 -19.78 8.21 -12.69
CA GLU B 183 -18.51 8.95 -12.77
C GLU B 183 -18.61 10.18 -13.68
N ASP B 184 -19.35 10.10 -14.79
CA ASP B 184 -19.25 11.10 -15.87
C ASP B 184 -20.33 12.19 -15.75
N CYS B 185 -21.42 11.90 -15.08
CA CYS B 185 -22.57 12.86 -14.95
C CYS B 185 -22.39 13.62 -13.64
N TRP B 186 -23.20 14.67 -13.49
CA TRP B 186 -23.09 15.66 -12.39
C TRP B 186 -23.93 15.22 -11.21
N LEU B 187 -23.40 15.40 -10.01
CA LEU B 187 -24.17 15.40 -8.76
C LEU B 187 -25.00 16.69 -8.68
N GLY B 188 -25.81 16.77 -7.66
CA GLY B 188 -26.60 17.99 -7.39
C GLY B 188 -27.78 18.06 -8.35
N ASP B 189 -28.29 19.26 -8.57
CA ASP B 189 -29.54 19.46 -9.33
C ASP B 189 -29.47 20.83 -10.02
N ASN B 190 -30.62 21.34 -10.45
CA ASN B 190 -30.63 22.65 -11.15
C ASN B 190 -30.85 23.78 -10.15
N THR B 191 -30.89 23.50 -8.86
CA THR B 191 -30.95 24.54 -7.79
C THR B 191 -29.51 24.87 -7.34
N VAL B 192 -28.76 23.87 -6.89
CA VAL B 192 -27.30 23.97 -6.63
C VAL B 192 -26.62 22.90 -7.48
N SER B 193 -25.96 23.31 -8.53
CA SER B 193 -25.32 22.36 -9.45
C SER B 193 -23.89 22.11 -8.97
N LEU B 194 -23.37 20.93 -9.32
CA LEU B 194 -22.03 20.51 -8.85
C LEU B 194 -21.22 20.14 -10.09
N PRO B 195 -20.70 21.17 -10.83
CA PRO B 195 -19.99 20.90 -12.09
C PRO B 195 -18.92 19.82 -11.92
N ASP B 196 -19.02 18.82 -12.77
CA ASP B 196 -18.26 17.56 -12.62
C ASP B 196 -16.96 17.64 -13.42
N LEU B 197 -15.82 17.67 -12.74
CA LEU B 197 -14.50 17.76 -13.40
C LEU B 197 -14.28 16.54 -14.28
N ASP B 198 -13.72 16.76 -15.47
CA ASP B 198 -13.29 15.62 -16.33
C ASP B 198 -11.94 15.13 -15.82
N THR B 199 -12.00 14.24 -14.82
CA THR B 199 -10.86 13.63 -14.15
C THR B 199 -10.17 12.61 -15.06
N THR B 200 -10.64 12.40 -16.29
CA THR B 200 -9.89 11.55 -17.27
C THR B 200 -8.89 12.42 -18.04
N LYS B 201 -8.94 13.75 -17.93
CA LYS B 201 -8.04 14.63 -18.71
C LYS B 201 -6.71 14.80 -17.99
N ASP B 202 -5.59 14.63 -18.70
CA ASP B 202 -4.28 14.81 -18.05
C ASP B 202 -4.18 16.16 -17.37
N VAL B 203 -4.71 17.22 -17.96
CA VAL B 203 -4.52 18.58 -17.38
C VAL B 203 -5.28 18.65 -16.03
N VAL B 204 -6.42 17.98 -15.93
CA VAL B 204 -7.20 17.93 -14.64
C VAL B 204 -6.43 17.08 -13.62
N LYS B 205 -5.92 15.91 -14.02
CA LYS B 205 -5.12 15.11 -13.06
C LYS B 205 -3.92 15.92 -12.58
N ASN B 206 -3.17 16.54 -13.49
CA ASN B 206 -1.93 17.25 -13.10
C ASN B 206 -2.24 18.43 -12.19
N GLU B 207 -3.28 19.18 -12.45
N GLU B 207 -3.30 19.19 -12.45
CA GLU B 207 -3.63 20.32 -11.57
CA GLU B 207 -3.75 20.36 -11.64
C GLU B 207 -4.00 19.76 -10.20
C GLU B 207 -4.14 19.86 -10.24
N TRP B 208 -4.88 18.77 -10.15
CA TRP B 208 -5.29 18.25 -8.80
C TRP B 208 -4.09 17.66 -8.08
N TYR B 209 -3.21 16.91 -8.75
CA TYR B 209 -2.05 16.28 -8.08
C TYR B 209 -1.11 17.36 -7.55
N ASP B 210 -0.84 18.41 -8.33
CA ASP B 210 0.00 19.52 -7.85
C ASP B 210 -0.67 20.21 -6.66
N TRP B 211 -1.95 20.44 -6.76
CA TRP B 211 -2.73 21.11 -5.68
C TRP B 211 -2.63 20.32 -4.38
N VAL B 212 -2.92 19.03 -4.41
CA VAL B 212 -3.06 18.27 -3.14
C VAL B 212 -1.69 18.17 -2.47
N GLY B 213 -0.62 17.95 -3.24
CA GLY B 213 0.71 17.89 -2.60
C GLY B 213 1.05 19.21 -1.96
N SER B 214 0.70 20.31 -2.60
CA SER B 214 0.99 21.67 -2.06
C SER B 214 0.11 22.03 -0.86
N LEU B 215 -1.18 21.62 -0.88
CA LEU B 215 -2.06 21.78 0.32
C LEU B 215 -1.43 21.09 1.51
N VAL B 216 -1.11 19.81 1.36
CA VAL B 216 -0.59 19.01 2.50
C VAL B 216 0.69 19.67 3.01
N SER B 217 1.63 20.07 2.15
CA SER B 217 2.88 20.61 2.73
C SER B 217 2.62 22.03 3.29
N ASN B 218 1.75 22.85 2.72
CA ASN B 218 1.55 24.24 3.20
C ASN B 218 1.00 24.19 4.62
N TYR B 219 0.08 23.25 4.91
CA TYR B 219 -0.66 23.24 6.19
C TYR B 219 -0.19 22.09 7.06
N SER B 220 0.88 21.37 6.67
CA SER B 220 1.42 20.23 7.47
C SER B 220 0.27 19.27 7.83
N ILE B 221 -0.50 18.90 6.82
CA ILE B 221 -1.66 17.98 7.03
C ILE B 221 -1.14 16.56 7.16
N ASP B 222 -1.70 15.75 8.09
CA ASP B 222 -1.21 14.38 8.40
C ASP B 222 -1.93 13.33 7.53
N GLY B 223 -3.18 13.59 7.17
CA GLY B 223 -3.96 12.67 6.37
C GLY B 223 -5.10 13.37 5.68
N LEU B 224 -5.74 12.70 4.71
CA LEU B 224 -6.89 13.30 4.01
C LEU B 224 -8.07 12.35 4.08
N ARG B 225 -9.26 12.94 4.20
CA ARG B 225 -10.52 12.23 3.88
C ARG B 225 -10.96 12.74 2.54
N ILE B 226 -11.05 11.82 1.59
CA ILE B 226 -11.37 12.19 0.19
C ILE B 226 -12.86 11.92 -0.01
N ASP B 227 -13.58 12.99 -0.31
N ASP B 227 -13.65 12.95 -0.21
CA ASP B 227 -15.03 12.98 -0.63
CA ASP B 227 -15.09 12.69 -0.44
C ASP B 227 -15.28 12.23 -1.96
C ASP B 227 -15.31 12.26 -1.88
N THR B 228 -16.50 11.69 -2.12
CA THR B 228 -17.08 11.51 -3.47
C THR B 228 -16.24 10.58 -4.32
N VAL B 229 -15.62 9.57 -3.73
CA VAL B 229 -14.59 8.78 -4.46
C VAL B 229 -15.27 7.97 -5.57
N LYS B 230 -16.46 7.40 -5.34
CA LYS B 230 -17.06 6.50 -6.36
C LYS B 230 -17.48 7.27 -7.60
N HIS B 231 -17.50 8.60 -7.52
CA HIS B 231 -17.89 9.49 -8.65
C HIS B 231 -16.73 9.86 -9.54
N VAL B 232 -15.53 9.40 -9.21
CA VAL B 232 -14.31 9.67 -10.00
C VAL B 232 -13.76 8.32 -10.45
N GLN B 233 -13.39 8.18 -11.73
CA GLN B 233 -12.89 6.85 -12.18
C GLN B 233 -11.63 6.43 -11.40
N LYS B 234 -11.52 5.14 -11.09
CA LYS B 234 -10.48 4.62 -10.20
C LYS B 234 -9.07 5.02 -10.60
N ASP B 235 -8.76 5.10 -11.91
CA ASP B 235 -7.37 5.36 -12.33
C ASP B 235 -6.91 6.76 -11.95
N PHE B 236 -7.82 7.64 -11.50
CA PHE B 236 -7.43 8.97 -10.98
C PHE B 236 -6.72 8.85 -9.64
N TRP B 237 -7.16 7.91 -8.82
CA TRP B 237 -6.88 7.97 -7.38
C TRP B 237 -5.43 7.61 -7.02
N PRO B 238 -4.75 6.62 -7.63
CA PRO B 238 -3.37 6.38 -7.17
C PRO B 238 -2.41 7.59 -7.20
N GLY B 239 -2.47 8.30 -8.31
CA GLY B 239 -1.66 9.50 -8.54
C GLY B 239 -2.02 10.58 -7.54
N TYR B 240 -3.33 10.69 -7.21
CA TYR B 240 -3.74 11.68 -6.17
C TYR B 240 -3.20 11.31 -4.78
N ASN B 241 -3.37 10.08 -4.37
CA ASN B 241 -2.91 9.56 -3.05
C ASN B 241 -1.39 9.74 -2.97
N LYS B 242 -0.66 9.43 -4.05
CA LYS B 242 0.82 9.51 -4.02
C LYS B 242 1.23 10.98 -3.96
N ALA B 243 0.54 11.85 -4.71
CA ALA B 243 0.85 13.30 -4.70
C ALA B 243 0.61 13.84 -3.30
N ALA B 244 -0.48 13.45 -2.64
CA ALA B 244 -0.76 13.90 -1.24
C ALA B 244 0.38 13.54 -0.29
N GLY B 245 0.95 12.34 -0.45
CA GLY B 245 2.10 11.86 0.31
C GLY B 245 1.73 11.47 1.73
N VAL B 246 0.44 11.32 2.01
CA VAL B 246 -0.09 10.98 3.36
C VAL B 246 -1.20 9.95 3.15
N TYR B 247 -1.54 9.28 4.21
CA TYR B 247 -2.73 8.39 4.28
C TYR B 247 -3.96 9.13 3.79
N CYS B 248 -4.66 8.48 2.86
CA CYS B 248 -5.95 8.96 2.34
C CYS B 248 -7.03 7.91 2.62
N ILE B 249 -8.15 8.37 3.17
CA ILE B 249 -9.32 7.51 3.43
C ILE B 249 -10.44 8.06 2.57
N GLY B 250 -10.99 7.19 1.72
CA GLY B 250 -12.01 7.61 0.76
C GLY B 250 -13.42 7.39 1.23
N GLU B 251 -14.29 8.34 0.89
CA GLU B 251 -15.75 8.10 0.99
C GLU B 251 -16.24 7.37 -0.26
N VAL B 252 -16.59 6.10 -0.10
CA VAL B 252 -17.25 5.28 -1.15
C VAL B 252 -18.61 4.90 -0.59
N LEU B 253 -19.64 5.63 -0.96
CA LEU B 253 -20.98 5.58 -0.32
C LEU B 253 -21.72 4.37 -0.87
N ASP B 254 -21.37 3.19 -0.35
CA ASP B 254 -22.03 1.93 -0.76
C ASP B 254 -21.84 0.92 0.34
N GLY B 255 -22.93 0.21 0.71
CA GLY B 255 -22.83 -0.79 1.78
C GLY B 255 -22.32 -2.13 1.31
N ASP B 256 -22.13 -2.32 0.01
CA ASP B 256 -21.67 -3.63 -0.50
C ASP B 256 -20.16 -3.72 -0.48
N PRO B 257 -19.56 -4.63 0.34
CA PRO B 257 -18.11 -4.72 0.38
C PRO B 257 -17.51 -5.08 -0.99
N ALA B 258 -18.26 -5.73 -1.86
CA ALA B 258 -17.78 -6.08 -3.20
C ALA B 258 -17.65 -4.86 -4.10
N TYR B 259 -18.39 -3.80 -3.77
CA TYR B 259 -18.30 -2.52 -4.50
C TYR B 259 -17.24 -1.65 -3.83
N THR B 260 -17.32 -1.52 -2.51
CA THR B 260 -16.56 -0.54 -1.76
C THR B 260 -15.11 -0.96 -1.52
N CYS B 261 -14.85 -2.16 -1.07
CA CYS B 261 -13.47 -2.55 -0.68
C CYS B 261 -12.50 -2.58 -1.85
N PRO B 262 -12.87 -2.85 -3.12
CA PRO B 262 -11.90 -2.75 -4.21
C PRO B 262 -11.25 -1.36 -4.37
N TYR B 263 -11.89 -0.29 -3.85
CA TYR B 263 -11.27 1.05 -3.88
C TYR B 263 -9.98 1.12 -3.04
N GLN B 264 -9.78 0.16 -2.13
CA GLN B 264 -8.51 0.06 -1.38
C GLN B 264 -7.37 -0.42 -2.29
N ASN B 265 -7.69 -0.77 -3.54
CA ASN B 265 -6.58 -1.09 -4.48
C ASN B 265 -6.15 0.17 -5.23
N VAL B 266 -6.82 1.30 -5.03
CA VAL B 266 -6.34 2.59 -5.64
C VAL B 266 -6.16 3.71 -4.60
N MET B 267 -6.48 3.47 -3.34
CA MET B 267 -6.42 4.46 -2.27
C MET B 267 -6.05 3.69 -0.99
N ASP B 268 -5.40 4.32 -0.01
CA ASP B 268 -4.98 3.59 1.21
C ASP B 268 -6.12 2.96 1.99
N GLY B 269 -7.19 3.72 2.21
CA GLY B 269 -8.31 3.23 2.99
C GLY B 269 -9.62 3.78 2.47
N VAL B 270 -10.72 3.23 2.96
CA VAL B 270 -12.07 3.78 2.68
C VAL B 270 -12.83 3.77 4.01
N LEU B 271 -13.84 4.62 4.06
CA LEU B 271 -14.76 4.63 5.20
C LEU B 271 -15.54 3.30 5.20
N ASN B 272 -15.77 2.74 6.36
CA ASN B 272 -16.38 1.40 6.43
C ASN B 272 -17.91 1.52 6.31
N TYR B 273 -18.41 1.86 5.13
CA TYR B 273 -19.84 1.87 4.84
C TYR B 273 -20.36 0.43 4.86
N PRO B 274 -19.61 -0.63 4.46
CA PRO B 274 -20.15 -1.99 4.62
C PRO B 274 -20.51 -2.35 6.07
N ILE B 275 -19.68 -2.00 7.05
CA ILE B 275 -20.02 -2.24 8.49
C ILE B 275 -21.14 -1.30 8.95
N TYR B 276 -21.16 -0.07 8.46
CA TYR B 276 -22.10 0.98 8.94
C TYR B 276 -23.52 0.41 9.00
N TYR B 277 -24.05 -0.14 7.92
CA TYR B 277 -25.47 -0.50 7.84
C TYR B 277 -25.82 -1.58 8.88
N PRO B 278 -25.15 -2.74 8.93
CA PRO B 278 -25.48 -3.72 9.97
C PRO B 278 -25.10 -3.31 11.39
N LEU B 279 -24.15 -2.41 11.55
CA LEU B 279 -23.76 -1.91 12.87
C LEU B 279 -24.93 -1.06 13.38
N LEU B 280 -25.39 -0.12 12.56
CA LEU B 280 -26.54 0.71 12.95
C LEU B 280 -27.72 -0.20 13.26
N ASN B 281 -28.05 -1.15 12.38
CA ASN B 281 -29.25 -2.02 12.59
C ASN B 281 -29.10 -2.85 13.86
N ALA B 282 -27.90 -3.31 14.19
CA ALA B 282 -27.71 -4.23 15.35
C ALA B 282 -28.06 -3.48 16.64
N PHE B 283 -27.66 -2.21 16.74
CA PHE B 283 -27.77 -1.47 18.01
C PHE B 283 -28.88 -0.41 18.02
N LYS B 284 -29.54 -0.10 16.92
CA LYS B 284 -30.56 0.99 16.97
C LYS B 284 -31.87 0.50 17.58
N SER B 285 -32.06 -0.82 17.75
CA SER B 285 -33.26 -1.37 18.40
C SER B 285 -32.91 -2.66 19.13
N THR B 286 -33.70 -2.96 20.12
CA THR B 286 -33.60 -4.22 20.89
C THR B 286 -33.92 -5.46 20.02
N SER B 287 -34.44 -5.30 18.83
CA SER B 287 -34.65 -6.41 17.87
C SER B 287 -33.56 -6.46 16.77
N GLY B 288 -32.49 -5.68 16.88
CA GLY B 288 -31.49 -5.63 15.79
C GLY B 288 -30.74 -6.94 15.60
N SER B 289 -30.26 -7.17 14.37
CA SER B 289 -29.59 -8.40 13.97
C SER B 289 -28.11 -8.41 14.36
N MET B 290 -27.77 -9.22 15.38
CA MET B 290 -26.34 -9.48 15.69
C MET B 290 -25.73 -10.35 14.60
N ASP B 291 -26.48 -11.28 14.03
CA ASP B 291 -25.95 -12.15 12.95
C ASP B 291 -25.44 -11.28 11.80
N ASP B 292 -26.18 -10.26 11.37
CA ASP B 292 -25.74 -9.49 10.18
C ASP B 292 -24.44 -8.74 10.48
N LEU B 293 -24.26 -8.24 11.70
CA LEU B 293 -23.02 -7.55 12.08
C LEU B 293 -21.87 -8.54 12.17
N TYR B 294 -22.10 -9.64 12.87
CA TYR B 294 -21.08 -10.71 13.01
C TYR B 294 -20.61 -11.11 11.60
N ASN B 295 -21.53 -11.34 10.70
CA ASN B 295 -21.20 -11.85 9.36
C ASN B 295 -20.43 -10.75 8.58
N MET B 296 -20.86 -9.49 8.71
CA MET B 296 -20.15 -8.43 7.96
C MET B 296 -18.74 -8.21 8.50
N ILE B 297 -18.50 -8.35 9.80
CA ILE B 297 -17.13 -8.28 10.38
C ILE B 297 -16.27 -9.33 9.65
N ASN B 298 -16.80 -10.54 9.49
CA ASN B 298 -15.98 -11.64 8.92
C ASN B 298 -15.80 -11.42 7.43
N THR B 299 -16.84 -10.89 6.77
CA THR B 299 -16.77 -10.60 5.32
C THR B 299 -15.75 -9.49 5.04
N VAL B 300 -15.77 -8.41 5.80
CA VAL B 300 -14.79 -7.32 5.63
C VAL B 300 -13.38 -7.82 5.96
N LYS B 301 -13.25 -8.65 7.02
CA LYS B 301 -11.93 -9.17 7.47
C LYS B 301 -11.29 -9.92 6.29
N SER B 302 -12.06 -10.77 5.63
N SER B 302 -12.05 -10.76 5.58
CA SER B 302 -11.61 -11.64 4.51
CA SER B 302 -11.48 -11.63 4.50
C SER B 302 -11.46 -10.85 3.21
C SER B 302 -11.53 -10.99 3.11
N ASP B 303 -12.51 -10.13 2.83
CA ASP B 303 -12.77 -9.69 1.44
C ASP B 303 -12.36 -8.23 1.18
N CYS B 304 -11.91 -7.49 2.19
CA CYS B 304 -11.37 -6.14 1.98
C CYS B 304 -9.86 -6.26 2.03
N PRO B 305 -9.10 -5.56 1.16
CA PRO B 305 -7.63 -5.64 1.19
C PRO B 305 -7.01 -5.49 2.58
N ASP B 306 -7.46 -4.51 3.38
CA ASP B 306 -6.96 -4.36 4.76
C ASP B 306 -8.02 -3.67 5.61
N SER B 307 -8.76 -4.47 6.38
CA SER B 307 -9.79 -4.01 7.33
C SER B 307 -9.17 -3.02 8.32
N THR B 308 -7.83 -3.11 8.57
CA THR B 308 -7.21 -2.26 9.62
C THR B 308 -6.92 -0.85 9.13
N LEU B 309 -7.16 -0.56 7.86
CA LEU B 309 -7.00 0.80 7.29
C LEU B 309 -8.36 1.35 6.84
N LEU B 310 -9.45 0.73 7.27
CA LEU B 310 -10.81 1.29 7.09
C LEU B 310 -11.18 2.17 8.27
N GLY B 311 -12.20 3.01 8.11
CA GLY B 311 -12.65 3.91 9.18
C GLY B 311 -14.02 3.52 9.69
N THR B 312 -14.14 3.20 10.96
CA THR B 312 -15.39 2.65 11.53
C THR B 312 -16.22 3.79 12.08
N PHE B 313 -17.49 3.82 11.75
CA PHE B 313 -18.38 4.90 12.20
C PHE B 313 -19.80 4.36 12.26
N VAL B 314 -20.63 5.05 13.06
CA VAL B 314 -22.10 4.89 12.95
C VAL B 314 -22.82 6.21 12.75
N GLU B 315 -22.12 7.33 12.72
CA GLU B 315 -22.77 8.66 12.73
C GLU B 315 -21.94 9.59 11.88
N ASN B 316 -22.60 10.31 10.99
CA ASN B 316 -21.94 11.37 10.20
C ASN B 316 -22.99 12.36 9.76
N HIS B 317 -22.58 13.31 8.93
CA HIS B 317 -23.39 14.46 8.48
C HIS B 317 -24.22 14.10 7.26
N ASP B 318 -24.18 12.86 6.84
CA ASP B 318 -24.86 12.37 5.61
C ASP B 318 -25.92 11.32 5.94
N ASN B 319 -26.17 11.04 7.23
CA ASN B 319 -27.20 10.05 7.62
C ASN B 319 -27.81 10.54 8.92
N PRO B 320 -29.02 10.07 9.28
CA PRO B 320 -29.59 10.43 10.58
C PRO B 320 -28.65 9.95 11.69
N ARG B 321 -28.56 10.76 12.75
CA ARG B 321 -27.69 10.43 13.90
C ARG B 321 -28.23 9.19 14.59
N PHE B 322 -27.37 8.47 15.26
CA PHE B 322 -27.76 7.24 15.98
C PHE B 322 -28.97 7.54 16.87
N ALA B 323 -28.91 8.59 17.70
CA ALA B 323 -30.00 8.88 18.66
C ALA B 323 -31.28 9.30 17.96
N SER B 324 -31.25 9.62 16.65
CA SER B 324 -32.52 9.89 15.93
C SER B 324 -33.31 8.60 15.77
N TYR B 325 -32.68 7.43 15.84
CA TYR B 325 -33.38 6.13 15.77
C TYR B 325 -33.87 5.68 17.16
N THR B 326 -33.01 5.87 18.16
CA THR B 326 -33.31 5.47 19.55
C THR B 326 -32.59 6.42 20.50
N ASN B 327 -33.29 6.87 21.53
CA ASN B 327 -32.64 7.63 22.63
C ASN B 327 -32.16 6.71 23.74
N ASP B 328 -32.18 5.39 23.56
CA ASP B 328 -31.64 4.49 24.62
C ASP B 328 -30.13 4.73 24.83
N ILE B 329 -29.74 5.15 26.02
CA ILE B 329 -28.32 5.50 26.29
C ILE B 329 -27.48 4.23 26.29
N ALA B 330 -28.01 3.08 26.74
CA ALA B 330 -27.21 1.83 26.72
C ALA B 330 -26.89 1.48 25.27
N LEU B 331 -27.86 1.58 24.41
CA LEU B 331 -27.61 1.23 22.99
C LEU B 331 -26.55 2.17 22.41
N ALA B 332 -26.58 3.45 22.71
CA ALA B 332 -25.58 4.44 22.24
C ALA B 332 -24.18 4.11 22.79
N LYS B 333 -24.10 3.65 24.03
CA LYS B 333 -22.79 3.28 24.60
C LYS B 333 -22.25 2.05 23.89
N ASN B 334 -23.10 1.05 23.60
CA ASN B 334 -22.58 -0.17 22.96
C ASN B 334 -22.06 0.17 21.55
N VAL B 335 -22.82 0.95 20.79
CA VAL B 335 -22.40 1.25 19.40
C VAL B 335 -21.11 2.09 19.46
N ALA B 336 -20.97 3.02 20.39
CA ALA B 336 -19.72 3.79 20.50
C ALA B 336 -18.54 2.88 20.84
N ALA B 337 -18.75 1.97 21.80
CA ALA B 337 -17.74 0.95 22.17
C ALA B 337 -17.30 0.21 20.92
N PHE B 338 -18.21 -0.26 20.09
CA PHE B 338 -17.88 -1.04 18.90
C PHE B 338 -16.99 -0.20 17.98
N ILE B 339 -17.37 1.05 17.76
CA ILE B 339 -16.60 1.94 16.85
C ILE B 339 -15.15 2.03 17.33
N ILE B 340 -14.94 2.24 18.62
N ILE B 340 -14.96 2.18 18.62
CA ILE B 340 -13.54 2.39 19.13
CA ILE B 340 -13.59 2.38 19.16
C ILE B 340 -12.82 1.04 18.99
C ILE B 340 -12.80 1.07 19.13
N LEU B 341 -13.45 -0.08 19.27
CA LEU B 341 -12.69 -1.36 19.44
C LEU B 341 -12.68 -2.24 18.18
N ASN B 342 -13.35 -1.84 17.11
CA ASN B 342 -13.30 -2.57 15.82
C ASN B 342 -11.93 -2.39 15.13
N ASP B 343 -11.61 -3.25 14.18
CA ASP B 343 -10.47 -3.04 13.26
C ASP B 343 -10.57 -1.62 12.72
N GLY B 344 -9.41 -1.05 12.46
CA GLY B 344 -9.31 0.21 11.72
C GLY B 344 -9.44 1.40 12.64
N ILE B 345 -9.77 2.54 12.05
CA ILE B 345 -9.62 3.82 12.72
C ILE B 345 -11.01 4.21 13.22
N PRO B 346 -11.21 4.33 14.54
CA PRO B 346 -12.47 4.86 15.06
C PRO B 346 -12.73 6.26 14.56
N ILE B 347 -14.00 6.53 14.20
CA ILE B 347 -14.41 7.89 13.80
C ILE B 347 -15.74 8.21 14.48
N ILE B 348 -15.69 9.15 15.40
CA ILE B 348 -16.87 9.69 16.11
C ILE B 348 -17.18 11.06 15.54
N TYR B 349 -18.47 11.34 15.30
CA TYR B 349 -18.88 12.64 14.70
C TYR B 349 -19.35 13.58 15.81
N ALA B 350 -18.70 14.74 15.92
CA ALA B 350 -19.00 15.80 16.89
C ALA B 350 -20.51 15.87 17.16
N GLY B 351 -20.87 15.73 18.41
CA GLY B 351 -22.27 15.72 18.86
C GLY B 351 -22.73 14.33 19.24
N GLN B 352 -22.14 13.28 18.66
CA GLN B 352 -22.47 11.90 19.04
C GLN B 352 -22.24 11.72 20.57
N GLU B 353 -21.16 12.30 21.08
CA GLU B 353 -20.77 12.16 22.49
C GLU B 353 -21.71 12.94 23.40
N GLN B 354 -22.51 13.83 22.84
CA GLN B 354 -23.56 14.58 23.61
C GLN B 354 -24.93 14.04 23.19
N HIS B 355 -24.98 12.86 22.57
CA HIS B 355 -26.23 12.13 22.33
C HIS B 355 -27.15 12.93 21.40
N TYR B 356 -26.56 13.67 20.46
CA TYR B 356 -27.34 14.47 19.50
C TYR B 356 -28.24 13.53 18.68
N ALA B 357 -29.44 14.01 18.34
CA ALA B 357 -30.49 13.14 17.75
C ALA B 357 -31.05 13.71 16.44
N GLY B 358 -30.36 14.63 15.77
CA GLY B 358 -30.82 15.13 14.45
C GLY B 358 -30.95 14.05 13.39
N GLY B 359 -31.99 14.18 12.56
CA GLY B 359 -32.18 13.30 11.40
C GLY B 359 -31.38 13.76 10.21
N ASN B 360 -31.88 13.48 9.02
CA ASN B 360 -31.13 13.78 7.80
C ASN B 360 -30.84 15.29 7.65
N ASP B 361 -29.79 15.51 6.91
CA ASP B 361 -29.31 16.85 6.51
C ASP B 361 -30.51 17.74 6.19
N PRO B 362 -30.62 18.92 6.78
CA PRO B 362 -29.60 19.57 7.64
C PRO B 362 -29.62 19.31 9.14
N ALA B 363 -30.52 18.42 9.61
CA ALA B 363 -30.80 18.26 11.06
C ALA B 363 -29.62 17.65 11.79
N ASN B 364 -28.73 16.98 11.06
CA ASN B 364 -27.54 16.31 11.63
C ASN B 364 -26.30 17.21 11.59
N ARG B 365 -26.46 18.50 11.33
CA ARG B 365 -25.35 19.47 11.36
C ARG B 365 -25.47 20.41 12.57
N GLU B 366 -25.95 19.87 13.66
CA GLU B 366 -26.08 20.67 14.91
C GLU B 366 -24.74 21.20 15.39
N ALA B 367 -24.78 22.40 15.99
CA ALA B 367 -23.59 23.07 16.55
C ALA B 367 -23.23 22.35 17.87
N THR B 368 -21.96 21.96 18.00
CA THR B 368 -21.47 21.23 19.18
C THR B 368 -21.49 22.21 20.36
N TRP B 369 -21.28 23.52 20.14
CA TRP B 369 -21.15 24.48 21.27
C TRP B 369 -22.47 24.59 22.03
N LEU B 370 -23.59 24.28 21.40
CA LEU B 370 -24.91 24.45 22.09
C LEU B 370 -25.08 23.38 23.18
N SER B 371 -24.25 22.36 23.22
CA SER B 371 -24.24 21.33 24.29
C SER B 371 -23.64 21.92 25.55
N GLY B 372 -22.85 22.97 25.43
CA GLY B 372 -21.98 23.47 26.51
C GLY B 372 -20.75 22.60 26.74
N TYR B 373 -20.51 21.58 25.92
CA TYR B 373 -19.25 20.80 25.95
C TYR B 373 -19.04 20.15 27.30
N PRO B 374 -20.06 19.52 27.90
CA PRO B 374 -19.86 18.86 29.20
C PRO B 374 -18.98 17.60 29.08
N THR B 375 -18.00 17.49 29.96
CA THR B 375 -17.03 16.39 29.93
C THR B 375 -17.53 15.29 30.85
N ASP B 376 -18.69 15.44 31.47
CA ASP B 376 -19.23 14.42 32.40
C ASP B 376 -20.51 13.83 31.81
N SER B 377 -20.80 14.05 30.53
CA SER B 377 -21.93 13.38 29.86
C SER B 377 -21.65 11.86 29.79
N GLU B 378 -22.70 11.06 29.71
CA GLU B 378 -22.61 9.58 29.70
C GLU B 378 -21.68 9.13 28.55
N LEU B 379 -21.92 9.66 27.33
CA LEU B 379 -21.15 9.16 26.17
C LEU B 379 -19.75 9.76 26.13
N TYR B 380 -19.53 10.95 26.70
CA TYR B 380 -18.16 11.51 26.80
C TYR B 380 -17.31 10.54 27.64
N LYS B 381 -17.88 10.10 28.74
CA LYS B 381 -17.19 9.21 29.71
C LYS B 381 -16.99 7.81 29.12
N LEU B 382 -17.99 7.28 28.41
CA LEU B 382 -17.88 5.97 27.74
C LEU B 382 -16.76 6.01 26.70
N ILE B 383 -16.77 7.01 25.84
CA ILE B 383 -15.77 7.17 24.75
C ILE B 383 -14.39 7.32 25.40
N ALA B 384 -14.29 8.13 26.46
CA ALA B 384 -13.00 8.33 27.15
C ALA B 384 -12.47 6.99 27.66
N SER B 385 -13.34 6.16 28.21
CA SER B 385 -12.93 4.85 28.79
C SER B 385 -12.49 3.89 27.68
N ALA B 386 -13.25 3.85 26.59
CA ALA B 386 -12.96 2.92 25.48
C ALA B 386 -11.70 3.37 24.76
N ASN B 387 -11.55 4.67 24.49
CA ASN B 387 -10.31 5.17 23.87
C ASN B 387 -9.13 4.97 24.84
N ALA B 388 -9.34 5.08 26.16
CA ALA B 388 -8.20 4.90 27.11
C ALA B 388 -7.64 3.48 26.99
N ILE B 389 -8.51 2.46 27.00
CA ILE B 389 -8.03 1.06 26.92
C ILE B 389 -7.41 0.81 25.54
N ARG B 390 -8.00 1.34 24.47
CA ARG B 390 -7.43 1.14 23.12
C ARG B 390 -6.05 1.77 23.06
N ASN B 391 -5.94 3.01 23.51
CA ASN B 391 -4.65 3.75 23.45
C ASN B 391 -3.61 3.04 24.31
N TYR B 392 -4.00 2.59 25.51
CA TYR B 392 -3.09 1.82 26.40
C TYR B 392 -2.68 0.48 25.76
N ALA B 393 -3.62 -0.29 25.24
CA ALA B 393 -3.38 -1.61 24.64
C ALA B 393 -2.37 -1.46 23.51
N ILE B 394 -2.55 -0.45 22.67
CA ILE B 394 -1.64 -0.18 21.53
C ILE B 394 -0.24 0.12 22.04
N SER B 395 -0.12 0.91 23.12
CA SER B 395 1.18 1.33 23.70
C SER B 395 1.96 0.08 24.14
N LYS B 396 1.27 -1.01 24.49
CA LYS B 396 1.90 -2.22 25.05
C LYS B 396 1.88 -3.41 24.09
N ASP B 397 1.24 -3.31 22.91
CA ASP B 397 1.05 -4.46 22.00
C ASP B 397 1.18 -3.95 20.56
N THR B 398 2.35 -4.06 19.95
CA THR B 398 2.61 -3.57 18.57
C THR B 398 1.76 -4.39 17.60
N GLY B 399 1.24 -5.56 17.97
CA GLY B 399 0.34 -6.36 17.12
C GLY B 399 -1.13 -5.96 17.19
N PHE B 400 -1.55 -5.17 18.17
CA PHE B 400 -3.00 -4.86 18.33
C PHE B 400 -3.61 -4.31 17.02
N VAL B 401 -2.97 -3.30 16.42
CA VAL B 401 -3.57 -2.62 15.25
C VAL B 401 -3.58 -3.55 14.04
N THR B 402 -2.73 -4.59 13.95
CA THR B 402 -2.76 -5.48 12.78
C THR B 402 -3.43 -6.81 13.10
N TYR B 403 -3.81 -7.06 14.36
CA TYR B 403 -4.61 -8.25 14.72
C TYR B 403 -6.04 -8.02 14.24
N LYS B 404 -6.51 -8.84 13.31
CA LYS B 404 -7.86 -8.61 12.73
C LYS B 404 -8.91 -9.07 13.74
N ASN B 405 -9.72 -8.12 14.17
CA ASN B 405 -10.90 -8.35 15.06
C ASN B 405 -11.63 -9.64 14.70
N TRP B 406 -11.86 -10.45 15.72
CA TRP B 406 -12.38 -11.83 15.62
C TRP B 406 -13.69 -11.86 16.42
N PRO B 407 -14.84 -12.00 15.77
CA PRO B 407 -16.10 -12.22 16.47
C PRO B 407 -16.14 -13.64 17.04
N ILE B 408 -16.26 -13.77 18.35
CA ILE B 408 -16.12 -15.10 19.04
C ILE B 408 -17.44 -15.62 19.56
N TYR B 409 -18.51 -14.83 19.54
CA TYR B 409 -19.81 -15.26 20.08
C TYR B 409 -20.92 -14.36 19.57
N LYS B 410 -22.09 -14.93 19.30
CA LYS B 410 -23.31 -14.11 19.20
C LYS B 410 -24.50 -14.88 19.74
N ASP B 411 -25.51 -14.13 20.16
CA ASP B 411 -26.87 -14.70 20.32
C ASP B 411 -27.86 -13.65 19.84
N ASP B 412 -29.14 -13.78 20.15
CA ASP B 412 -30.15 -12.82 19.70
C ASP B 412 -29.79 -11.38 20.16
N THR B 413 -29.12 -11.19 21.30
CA THR B 413 -28.99 -9.85 21.88
C THR B 413 -27.53 -9.49 22.18
N THR B 414 -26.58 -10.29 21.71
CA THR B 414 -25.18 -10.22 22.15
C THR B 414 -24.25 -10.46 20.98
N ILE B 415 -23.14 -9.74 20.98
CA ILE B 415 -21.96 -10.05 20.15
C ILE B 415 -20.72 -9.84 20.99
N ALA B 416 -19.78 -10.77 20.85
CA ALA B 416 -18.51 -10.61 21.53
C ALA B 416 -17.39 -10.79 20.50
N MET B 417 -16.35 -10.03 20.72
CA MET B 417 -15.20 -9.94 19.78
C MET B 417 -13.90 -9.84 20.56
N ARG B 418 -12.83 -10.29 19.89
CA ARG B 418 -11.48 -10.38 20.47
C ARG B 418 -10.47 -9.69 19.56
N LYS B 419 -9.62 -8.87 20.13
CA LYS B 419 -8.57 -8.18 19.37
C LYS B 419 -7.33 -7.96 20.21
N GLY B 420 -6.18 -8.38 19.66
CA GLY B 420 -4.89 -8.18 20.31
C GLY B 420 -4.17 -9.50 20.47
N THR B 421 -2.85 -9.38 20.55
CA THR B 421 -1.90 -10.50 20.74
C THR B 421 -2.33 -11.33 21.96
N ASP B 422 -2.28 -12.65 21.81
CA ASP B 422 -2.61 -13.62 22.90
C ASP B 422 -1.90 -13.19 24.18
N GLY B 423 -2.63 -13.14 25.29
CA GLY B 423 -2.08 -12.64 26.56
C GLY B 423 -2.37 -11.18 26.82
N SER B 424 -2.70 -10.41 25.76
CA SER B 424 -2.96 -8.97 25.91
C SER B 424 -4.25 -8.60 25.18
N GLN B 425 -5.12 -9.55 24.88
CA GLN B 425 -6.31 -9.30 24.00
C GLN B 425 -7.36 -8.54 24.81
N ILE B 426 -7.94 -7.52 24.19
CA ILE B 426 -9.23 -6.92 24.64
C ILE B 426 -10.34 -7.82 24.13
N VAL B 427 -11.24 -8.23 25.02
CA VAL B 427 -12.45 -9.02 24.68
C VAL B 427 -13.65 -8.17 25.08
N THR B 428 -14.44 -7.84 24.08
CA THR B 428 -15.57 -6.91 24.21
C THR B 428 -16.88 -7.66 24.04
N ILE B 429 -17.81 -7.46 24.99
CA ILE B 429 -19.14 -8.06 24.92
C ILE B 429 -20.13 -6.90 24.82
N LEU B 430 -20.83 -6.87 23.70
CA LEU B 430 -21.85 -5.85 23.44
C LEU B 430 -23.23 -6.45 23.38
N SER B 431 -24.21 -5.63 23.74
CA SER B 431 -25.60 -6.07 23.92
C SER B 431 -26.52 -5.05 23.26
N ASN B 432 -27.63 -5.51 22.73
CA ASN B 432 -28.73 -4.61 22.28
C ASN B 432 -29.96 -4.80 23.16
N LYS B 433 -29.81 -5.31 24.41
CA LYS B 433 -30.96 -5.35 25.36
C LYS B 433 -31.40 -3.94 25.76
N GLY B 434 -30.56 -2.92 25.68
CA GLY B 434 -30.94 -1.55 26.07
C GLY B 434 -30.99 -1.41 27.58
N ALA B 435 -31.41 -0.23 28.01
CA ALA B 435 -31.22 0.23 29.40
C ALA B 435 -32.15 -0.55 30.34
N SER B 436 -33.19 -1.19 29.84
CA SER B 436 -34.09 -2.02 30.69
C SER B 436 -33.65 -3.51 30.64
N GLY B 437 -32.46 -3.81 30.10
CA GLY B 437 -31.97 -5.20 30.02
C GLY B 437 -31.97 -5.90 31.37
N ASP B 438 -32.24 -7.19 31.36
CA ASP B 438 -32.24 -8.01 32.61
C ASP B 438 -30.80 -8.29 33.05
N SER B 439 -30.62 -8.64 34.33
CA SER B 439 -29.31 -9.02 34.93
C SER B 439 -29.14 -10.53 34.85
N TYR B 440 -27.99 -10.97 34.39
CA TYR B 440 -27.72 -12.42 34.18
C TYR B 440 -26.22 -12.57 34.01
N THR B 441 -25.78 -13.81 33.98
CA THR B 441 -24.35 -14.12 33.77
C THR B 441 -24.22 -14.83 32.44
N LEU B 442 -23.45 -14.25 31.51
CA LEU B 442 -23.13 -14.88 30.21
C LEU B 442 -21.87 -15.71 30.38
N SER B 443 -21.94 -17.01 30.08
CA SER B 443 -20.78 -17.91 30.10
C SER B 443 -20.12 -17.89 28.72
N LEU B 444 -19.03 -17.13 28.62
CA LEU B 444 -18.39 -16.82 27.30
C LEU B 444 -17.20 -17.75 27.02
N SER B 445 -17.28 -18.60 25.97
CA SER B 445 -16.16 -19.44 25.45
C SER B 445 -15.42 -18.69 24.35
N GLY B 446 -14.14 -19.00 24.20
CA GLY B 446 -13.29 -18.56 23.07
C GLY B 446 -12.63 -17.22 23.29
N ALA B 447 -12.64 -16.69 24.51
CA ALA B 447 -11.97 -15.41 24.85
C ALA B 447 -10.46 -15.61 24.84
N GLY B 448 -9.98 -16.82 25.15
CA GLY B 448 -8.54 -17.13 24.96
C GLY B 448 -7.71 -16.79 26.18
N TYR B 449 -8.33 -16.47 27.31
CA TYR B 449 -7.56 -16.13 28.53
C TYR B 449 -7.29 -17.43 29.30
N THR B 450 -6.36 -17.41 30.24
CA THR B 450 -5.95 -18.64 30.97
C THR B 450 -6.93 -18.87 32.13
N ALA B 451 -7.31 -20.12 32.38
CA ALA B 451 -8.24 -20.49 33.47
C ALA B 451 -7.77 -19.82 34.76
N GLY B 452 -8.68 -19.16 35.48
CA GLY B 452 -8.38 -18.56 36.79
C GLY B 452 -7.82 -17.14 36.72
N GLN B 453 -7.48 -16.62 35.52
CA GLN B 453 -6.86 -15.29 35.35
C GLN B 453 -7.84 -14.18 35.76
N GLN B 454 -7.29 -13.11 36.33
CA GLN B 454 -8.02 -11.89 36.74
C GLN B 454 -8.09 -10.96 35.53
N LEU B 455 -9.31 -10.57 35.17
CA LEU B 455 -9.59 -9.57 34.10
C LEU B 455 -10.13 -8.34 34.78
N THR B 456 -9.94 -7.20 34.14
CA THR B 456 -10.63 -5.95 34.52
C THR B 456 -11.68 -5.67 33.47
N GLU B 457 -12.90 -5.38 33.91
CA GLU B 457 -13.92 -4.78 33.00
C GLU B 457 -13.65 -3.28 33.01
N VAL B 458 -13.09 -2.71 31.96
CA VAL B 458 -12.45 -1.37 32.07
C VAL B 458 -13.47 -0.23 31.87
N ILE B 459 -14.72 -0.51 31.52
CA ILE B 459 -15.77 0.54 31.39
C ILE B 459 -16.29 0.83 32.80
N GLY B 460 -16.65 -0.20 33.56
CA GLY B 460 -17.21 -0.06 34.93
C GLY B 460 -16.18 -0.24 36.04
N CYS B 461 -14.95 -0.67 35.72
CA CYS B 461 -13.82 -0.89 36.67
C CYS B 461 -14.22 -1.92 37.73
N THR B 462 -14.63 -3.10 37.29
CA THR B 462 -14.89 -4.29 38.14
C THR B 462 -13.90 -5.39 37.74
N THR B 463 -13.80 -6.45 38.55
CA THR B 463 -12.93 -7.60 38.21
C THR B 463 -13.81 -8.80 37.89
N VAL B 464 -13.34 -9.59 36.92
CA VAL B 464 -13.98 -10.82 36.43
C VAL B 464 -12.88 -11.88 36.50
N THR B 465 -13.17 -13.05 37.07
CA THR B 465 -12.21 -14.18 37.13
C THR B 465 -12.57 -15.22 36.10
N VAL B 466 -11.64 -15.66 35.28
CA VAL B 466 -11.92 -16.71 34.27
C VAL B 466 -12.18 -18.04 35.01
N GLY B 467 -13.21 -18.78 34.59
CA GLY B 467 -13.55 -20.13 35.07
C GLY B 467 -12.36 -21.08 34.95
N SER B 468 -12.33 -22.13 35.77
CA SER B 468 -11.31 -23.22 35.66
C SER B 468 -11.47 -23.94 34.31
N ASP B 469 -12.67 -23.90 33.72
CA ASP B 469 -12.96 -24.42 32.34
C ASP B 469 -12.50 -23.45 31.24
N GLY B 470 -11.93 -22.28 31.56
CA GLY B 470 -11.53 -21.28 30.56
C GLY B 470 -12.65 -20.37 30.08
N ASN B 471 -13.90 -20.62 30.48
CA ASN B 471 -15.05 -19.75 30.12
C ASN B 471 -15.03 -18.51 31.04
N VAL B 472 -15.52 -17.37 30.54
CA VAL B 472 -15.53 -16.12 31.35
C VAL B 472 -16.97 -15.90 31.76
N PRO B 473 -17.25 -15.82 33.07
CA PRO B 473 -18.60 -15.54 33.54
C PRO B 473 -18.79 -14.03 33.49
N VAL B 474 -19.44 -13.52 32.43
CA VAL B 474 -19.54 -12.05 32.22
C VAL B 474 -20.83 -11.58 32.85
N PRO B 475 -20.77 -10.70 33.87
CA PRO B 475 -21.97 -10.13 34.47
C PRO B 475 -22.56 -9.18 33.42
N MET B 476 -23.82 -9.44 33.05
CA MET B 476 -24.57 -8.65 32.08
C MET B 476 -25.71 -7.97 32.85
N ALA B 477 -25.84 -6.66 32.70
CA ALA B 477 -26.93 -5.88 33.32
C ALA B 477 -27.04 -4.52 32.64
N GLY B 478 -28.19 -3.87 32.79
CA GLY B 478 -28.40 -2.52 32.26
C GLY B 478 -28.13 -2.44 30.75
N GLY B 479 -28.05 -3.57 30.03
CA GLY B 479 -27.71 -3.56 28.60
C GLY B 479 -26.31 -2.96 28.38
N LEU B 480 -25.43 -2.96 29.38
CA LEU B 480 -24.18 -2.19 29.28
C LEU B 480 -23.12 -2.99 28.53
N PRO B 481 -22.21 -2.28 27.80
CA PRO B 481 -21.06 -2.93 27.17
C PRO B 481 -20.02 -3.28 28.21
N ARG B 482 -19.31 -4.39 28.00
CA ARG B 482 -18.27 -4.87 28.91
C ARG B 482 -17.00 -4.98 28.07
N VAL B 483 -15.90 -4.44 28.57
CA VAL B 483 -14.60 -4.51 27.84
C VAL B 483 -13.57 -5.10 28.80
N LEU B 484 -13.10 -6.28 28.48
CA LEU B 484 -12.22 -7.09 29.37
C LEU B 484 -10.79 -7.00 28.90
N TYR B 485 -9.89 -6.92 29.87
CA TYR B 485 -8.43 -6.88 29.62
C TYR B 485 -7.72 -7.47 30.84
N PRO B 486 -6.63 -8.22 30.68
CA PRO B 486 -5.97 -8.82 31.84
C PRO B 486 -5.52 -7.80 32.88
N THR B 487 -5.90 -8.04 34.14
CA THR B 487 -5.57 -7.09 35.22
C THR B 487 -4.03 -6.93 35.30
N GLU B 488 -3.29 -8.03 35.19
CA GLU B 488 -1.80 -8.01 35.33
C GLU B 488 -1.19 -7.08 34.25
N LYS B 489 -1.83 -6.94 33.07
CA LYS B 489 -1.27 -6.12 31.96
C LYS B 489 -1.54 -4.63 32.18
N LEU B 490 -2.38 -4.28 33.16
CA LEU B 490 -2.69 -2.87 33.49
C LEU B 490 -1.73 -2.29 34.54
N ALA B 491 -0.82 -3.09 35.12
CA ALA B 491 0.10 -2.65 36.20
C ALA B 491 0.76 -1.33 35.76
N GLY B 492 0.59 -0.27 36.55
CA GLY B 492 1.23 1.05 36.33
C GLY B 492 0.40 1.99 35.48
N SER B 493 -0.69 1.52 34.87
CA SER B 493 -1.57 2.35 34.02
C SER B 493 -2.50 3.20 34.90
N LYS B 494 -3.11 4.24 34.31
CA LYS B 494 -4.09 5.14 34.99
C LYS B 494 -5.50 4.52 34.94
N ILE B 495 -5.68 3.35 34.31
CA ILE B 495 -7.04 2.83 34.01
C ILE B 495 -7.60 2.08 35.23
N CYS B 496 -8.76 2.49 35.72
CA CYS B 496 -9.44 1.90 36.89
C CYS B 496 -8.48 2.02 38.09
N SER B 497 -7.92 3.23 38.31
CA SER B 497 -6.92 3.54 39.36
C SER B 497 -7.35 2.97 40.72
C1 NAG C . 32.11 10.77 -18.64
C2 NAG C . 33.12 10.34 -17.57
C3 NAG C . 33.77 11.62 -16.98
C4 NAG C . 34.33 12.56 -18.05
C5 NAG C . 33.25 12.76 -19.12
C6 NAG C . 33.70 13.71 -20.26
C7 NAG C . 32.49 8.31 -16.36
C8 NAG C . 31.78 7.73 -15.16
N2 NAG C . 32.40 9.64 -16.49
O3 NAG C . 34.70 11.17 -16.00
O4 NAG C . 34.67 13.88 -17.51
O5 NAG C . 32.81 11.50 -19.69
O6 NAG C . 34.79 13.04 -20.91
O7 NAG C . 33.17 7.61 -17.11
H1 NAG C . 31.45 11.46 -18.08
H2 NAG C . 33.92 9.74 -18.03
H3 NAG C . 32.97 12.15 -16.43
H4 NAG C . 35.21 12.11 -18.53
H5 NAG C . 32.41 13.27 -18.64
H61 NAG C . 34.03 14.67 -19.82
H62 NAG C . 32.88 13.89 -20.94
H81 NAG C . 30.75 7.96 -15.20
H82 NAG C . 31.91 6.68 -15.15
H83 NAG C . 32.20 8.14 -14.28
HN2 NAG C . 31.84 10.18 -15.85
HO3 NAG C . 35.05 11.93 -15.52
HO4 NAG C . 35.01 14.44 -18.22
HO6 NAG C . 35.13 13.58 -21.63
C1 EDO D . 7.55 -31.34 -6.00
O1 EDO D . 6.95 -32.61 -5.95
C2 EDO D . 8.01 -30.81 -4.74
O2 EDO D . 7.11 -30.81 -3.67
H11 EDO D . 6.90 -30.71 -6.35
H12 EDO D . 8.33 -31.39 -6.59
HO1 EDO D . 6.71 -32.84 -6.73
H21 EDO D . 8.28 -29.89 -4.85
H22 EDO D . 8.77 -31.35 -4.42
HO2 EDO D . 6.37 -31.12 -3.92
O2 5QP E . 28.84 -11.67 -6.32
C2 5QP E . 30.00 -11.60 -5.46
C3 5QP E . 30.13 -12.81 -4.57
O3 5QP E . 30.47 -13.91 -5.41
C4 5QP E . 31.20 -12.71 -3.48
O4 5QP E . 31.25 -13.86 -2.60
C5 5QP E . 30.95 -11.44 -2.67
C6 5QP E . 31.92 -11.05 -1.58
O6 5QP E . 33.19 -10.85 -2.07
O5 5QP E . 30.96 -10.33 -3.60
C1 5QP E . 29.89 -10.39 -4.58
O1 5QP E . 28.60 -10.35 -3.91
CAX 5QP E . 27.84 -9.14 -4.17
CAT 5QP E . 26.45 -9.53 -4.66
OAI 5QP E . 26.50 -10.55 -5.66
CAO 5QP E . 25.75 -8.24 -5.20
OAD 5QP E . 24.37 -8.52 -5.54
CAN 5QP E . 25.72 -7.07 -4.14
CAR 5QP E . 27.02 -6.95 -3.44
OAG 5QP E . 26.92 -6.10 -2.26
CAV 5QP E . 27.73 -8.21 -3.01
CAK 5QP E . 29.06 -8.04 -2.27
OAB 5QP E . 30.08 -7.57 -3.16
HO2 5QP E . 28.91 -12.45 -6.89
H2 5QP E . 30.89 -11.50 -6.08
H3 5QP E . 29.17 -12.97 -4.05
HO3 5QP E . 30.55 -14.71 -4.88
H4 5QP E . 32.18 -12.65 -3.95
HO4 5QP E . 31.95 -13.72 -1.93
H5 5QP E . 29.99 -11.54 -2.14
H61 5QP E . 31.59 -10.12 -1.10
H62 5QP E . 31.97 -11.85 -0.83
HO6 5QP E . 33.79 -10.60 -1.35
H1 5QP E . 29.99 -9.54 -5.26
HAX1 5QP E . 28.37 -8.62 -4.99
HAT1 5QP E . 25.85 -9.92 -3.83
HAI1 5QP E . 26.95 -11.33 -5.29
HAO1 5QP E . 26.30 -7.90 -6.07
HAD1 5QP E . 24.33 -9.24 -6.19
H1A 5QP E . 25.43 -8.13 -4.14
HAR1 5QP E . 27.62 -6.46 -4.22
HAG1 5QP E . 26.02 -5.78 -2.16
HAV1 5QP E . 26.98 -8.63 -2.30
HAK1 5QP E . 28.92 -7.31 -1.47
HAK2 5QP E . 29.34 -9.00 -1.85
HAB1 5QP E . 30.90 -7.47 -2.67
CA CA F . 29.26 0.87 4.44
C1 NAG G . 1.21 26.54 -1.18
C2 NAG G . 0.10 26.90 -2.16
C3 NAG G . 0.68 27.16 -3.56
C4 NAG G . 1.56 28.39 -3.54
C5 NAG G . 2.62 28.16 -2.48
C6 NAG G . 3.24 29.57 -2.32
C7 NAG G . -2.13 25.88 -1.75
C8 NAG G . -2.89 24.62 -2.05
N2 NAG G . -0.90 25.81 -2.24
O3 NAG G . -0.39 27.52 -4.43
O4 NAG G . 2.06 28.77 -4.88
O5 NAG G . 2.14 27.68 -1.17
O6 NAG G . 4.37 29.40 -1.49
O7 NAG G . -2.64 26.84 -1.20
H1 NAG G . 1.74 25.65 -1.56
H2 NAG G . -0.40 27.80 -1.81
H3 NAG G . 1.31 26.31 -3.86
H4 NAG G . 0.97 29.28 -3.25
H5 NAG G . 3.29 27.41 -2.92
H61 NAG G . 2.51 30.23 -1.85
H62 NAG G . 3.51 29.96 -3.30
H81 NAG G . -2.39 23.79 -1.60
H82 NAG G . -3.87 24.70 -1.65
H83 NAG G . -2.95 24.47 -3.09
HN2 NAG G . -0.63 24.96 -2.70
HO3 NAG G . -0.04 27.73 -5.31
HO4 NAG G . 2.56 29.59 -4.81
HO6 NAG G . 4.80 30.26 -1.36
C1 EDO H . -29.84 17.89 19.03
O1 EDO H . -30.29 17.28 17.79
C2 EDO H . -30.62 17.41 20.21
O2 EDO H . -30.62 16.00 20.31
H11 EDO H . -29.95 18.87 18.96
H12 EDO H . -28.90 17.67 19.17
HO1 EDO H . -29.83 17.58 17.15
H21 EDO H . -31.55 17.71 20.12
H22 EDO H . -30.23 17.78 21.02
HO2 EDO H . -30.16 15.67 19.68
C1 EDO I . -35.27 0.46 20.91
O1 EDO I . -35.68 -0.81 20.57
C2 EDO I . -35.18 0.85 22.31
O2 EDO I . -36.11 0.24 23.17
H11 EDO I . -35.87 1.11 20.51
H12 EDO I . -34.35 0.60 20.57
HO1 EDO I . -35.67 -0.88 19.73
H21 EDO I . -35.34 1.81 22.38
H22 EDO I . -34.30 0.63 22.65
HO2 EDO I . -36.60 -0.30 22.72
O2 5QP J . -23.07 18.31 2.78
C2 5QP J . -23.67 18.93 1.60
C3 5QP J . -25.16 18.65 1.54
O3 5QP J . -25.77 19.41 2.56
C4 5QP J . -25.81 19.01 0.20
O4 5QP J . -27.26 18.65 0.08
C5 5QP J . -25.03 18.30 -0.91
C6 5QP J . -25.40 18.49 -2.38
O6 5QP J . -25.35 19.84 -2.68
O5 5QP J . -23.65 18.72 -0.80
C1 5QP J . -23.00 18.33 0.41
O1 5QP J . -23.03 16.92 0.49
CAX 5QP J . -21.67 16.34 0.43
CAT 5QP J . -21.44 15.39 1.62
OAI 5QP J . -21.80 15.95 2.85
CAO 5QP J . -19.93 14.98 1.65
OAD 5QP J . -19.71 13.96 2.63
CAN 5QP J . -19.54 14.41 0.26
CAR 5QP J . -20.04 15.20 -0.88
OAG 5QP J . -19.72 14.51 -2.12
CAV 5QP J . -21.46 15.61 -0.87
CAK 5QP J . -21.89 16.33 -2.18
OAB 5QP J . -21.41 17.70 -2.22
HO2 5QP J . -23.48 18.68 3.58
H2 5QP J . -23.51 20.01 1.58
H3 5QP J . -25.32 17.56 1.68
HO3 5QP J . -26.72 19.25 2.55
H4 5QP J . -25.76 20.10 0.07
HO4 5QP J . -27.58 18.92 -0.79
H5 5QP J . -25.12 17.21 -0.77
H61 5QP J . -24.69 17.96 -3.01
H62 5QP J . -26.40 18.12 -2.56
HO6 5QP J . -25.58 19.96 -3.60
H1 5QP J . -21.95 18.68 0.41
HAX1 5QP J . -20.94 17.16 0.49
HAT1 5QP J . -22.04 14.48 1.47
HAI1 5QP J . -22.75 16.20 2.83
HAO1 5QP J . -19.32 15.88 1.84
HAD1 5QP J . -19.94 14.30 3.50
H1A 5QP J . -20.40 14.14 0.89
HAR1 5QP J . -19.40 16.10 -0.81
HAG1 5QP J . -19.26 13.68 -1.91
HAV1 5QP J . -22.04 14.68 -0.79
HAK1 5QP J . -21.49 15.78 -3.03
HAK2 5QP J . -22.99 16.33 -2.24
HAB1 5QP J . -21.70 18.11 -3.04
C1 EDO K . -24.72 -2.03 -5.09
O1 EDO K . -23.66 -1.21 -5.57
C2 EDO K . -24.28 -3.47 -4.96
O2 EDO K . -23.01 -3.72 -5.60
H11 EDO K . -25.48 -1.98 -5.72
H12 EDO K . -25.00 -1.70 -4.21
HO1 EDO K . -23.93 -0.41 -5.64
H21 EDO K . -24.95 -4.06 -5.37
H22 EDO K . -24.18 -3.70 -4.01
HO2 EDO K . -22.73 -3.00 -5.96
CA CA L . -17.24 12.67 -11.62
#